data_2XEP
#
_entry.id   2XEP
#
_cell.length_a   61.104
_cell.length_b   99.070
_cell.length_c   81.636
_cell.angle_alpha   90.00
_cell.angle_beta   94.17
_cell.angle_gamma   90.00
#
_symmetry.space_group_name_H-M   'P 1 21 1'
#
loop_
_entity.id
_entity.type
_entity.pdbx_description
1 polymer ORF12
2 non-polymer GLYCEROL
3 non-polymer 'CHLORIDE ION'
4 water water
#
_entity_poly.entity_id   1
_entity_poly.type   'polypeptide(L)'
_entity_poly.pdbx_seq_one_letter_code
;MMKKADSVPTPAEAALAAQTALAADDSPMGDAARWAMGLLTSSGLPRPEDVAARFIPTFAAAGNFAETVREWRSKGPFTV
RAYHPVAHKGWVVLSAPAGVRYILSLTLDSSGLIRILTLKPETVIPDMVTWNDVEETLHTPGVQHSVYAVRLTPDGHEVL
HASAPERPMPTGSAYKLYLMRALVAEIEKGTVGWDEILTLTPELRSLPTGDMQDLPDGTRVTVRETAHKMIALSDNTGAD
LVADRLGREVVERSLAAAGHHDPSLMRPFLTSHEVFELGWGDPERRAEWVRQDEAGRRELLEKMAGVMTVRGSDLGATVH
QLGIDWHMDAFDVVRVLEGLLQDSGRDTSGTVEEILTAYPGLLIDEERWRRVYFKAGSSPGVMMFCWLLQDHAGISYVLV
LRQSADEQRLIGDGLFLRGIGAKIIEAEAKLLSSGERRGAGTAAAGDDRASAGEAARR
;
_entity_poly.pdbx_strand_id   A,B
#
loop_
_chem_comp.id
_chem_comp.type
_chem_comp.name
_chem_comp.formula
CL non-polymer 'CHLORIDE ION' 'Cl -1'
GOL non-polymer GLYCEROL 'C3 H8 O3'
#
# COMPACT_ATOMS: atom_id res chain seq x y z
N SER A 7 -12.75 -16.35 15.04
CA SER A 7 -11.97 -17.32 15.85
C SER A 7 -10.88 -16.62 16.68
N VAL A 8 -11.27 -15.57 17.38
CA VAL A 8 -10.41 -14.80 18.28
C VAL A 8 -9.98 -15.69 19.47
N PRO A 9 -8.69 -15.63 19.87
CA PRO A 9 -8.23 -16.45 21.00
C PRO A 9 -8.94 -16.10 22.32
N THR A 10 -9.35 -17.12 23.06
CA THR A 10 -10.02 -16.94 24.35
C THR A 10 -8.98 -16.52 25.40
N PRO A 11 -9.43 -15.95 26.54
CA PRO A 11 -8.50 -15.56 27.60
C PRO A 11 -7.41 -16.58 27.93
N ALA A 12 -7.77 -17.85 28.13
CA ALA A 12 -6.81 -18.91 28.45
C ALA A 12 -5.79 -19.13 27.33
N GLU A 13 -6.28 -19.10 26.11
CA GLU A 13 -5.45 -19.28 24.91
C GLU A 13 -4.46 -18.13 24.75
N ALA A 14 -4.96 -16.92 24.98
CA ALA A 14 -4.15 -15.70 24.88
C ALA A 14 -2.98 -15.71 25.86
N ALA A 15 -3.26 -16.10 27.11
CA ALA A 15 -2.21 -16.10 28.14
C ALA A 15 -1.16 -17.17 27.86
N LEU A 16 -1.62 -18.35 27.47
CA LEU A 16 -0.69 -19.42 27.14
C LEU A 16 0.20 -19.05 25.97
N ALA A 17 -0.39 -18.47 24.92
CA ALA A 17 0.36 -17.97 23.76
C ALA A 17 1.45 -16.95 24.17
N ALA A 18 1.10 -16.06 25.11
CA ALA A 18 2.05 -15.06 25.57
C ALA A 18 3.19 -15.66 26.38
N GLN A 19 2.87 -16.67 27.19
CA GLN A 19 3.83 -17.34 28.06
C GLN A 19 4.86 -18.12 27.22
N THR A 20 4.38 -18.73 26.16
CA THR A 20 5.21 -19.55 25.28
C THR A 20 6.09 -18.65 24.42
N ALA A 21 5.50 -17.57 23.91
CA ALA A 21 6.23 -16.58 23.10
C ALA A 21 7.37 -15.94 23.90
N LEU A 22 7.09 -15.58 25.14
CA LEU A 22 8.14 -15.08 26.04
C LEU A 22 9.28 -16.09 26.24
N ALA A 23 8.92 -17.35 26.46
CA ALA A 23 9.93 -18.41 26.66
C ALA A 23 10.75 -18.67 25.40
N ALA A 24 10.10 -18.57 24.23
CA ALA A 24 10.73 -18.88 22.94
C ALA A 24 11.48 -17.74 22.27
N ASP A 25 11.18 -16.49 22.67
CA ASP A 25 11.70 -15.31 21.98
C ASP A 25 13.22 -15.24 22.03
N ASP A 26 13.86 -15.60 20.90
CA ASP A 26 15.32 -15.53 20.79
C ASP A 26 15.76 -14.20 20.21
N SER A 27 15.50 -13.15 20.97
CA SER A 27 15.87 -11.78 20.61
C SER A 27 16.37 -11.08 21.87
N PRO A 28 17.02 -9.91 21.72
CA PRO A 28 17.46 -9.14 22.89
C PRO A 28 16.31 -8.86 23.86
N MET A 29 15.12 -8.57 23.33
CA MET A 29 13.96 -8.31 24.18
C MET A 29 13.53 -9.58 24.92
N GLY A 30 13.57 -10.72 24.25
CA GLY A 30 13.27 -12.01 24.90
C GLY A 30 14.21 -12.28 26.07
N ASP A 31 15.50 -12.15 25.83
CA ASP A 31 16.55 -12.31 26.83
C ASP A 31 16.31 -11.43 28.06
N ALA A 32 15.99 -10.16 27.82
CA ALA A 32 15.84 -9.19 28.90
C ALA A 32 14.55 -9.41 29.67
N ALA A 33 13.49 -9.72 28.94
CA ALA A 33 12.16 -9.93 29.55
C ALA A 33 12.20 -11.18 30.40
N ARG A 34 12.83 -12.23 29.90
CA ARG A 34 12.96 -13.46 30.71
C ARG A 34 13.80 -13.23 31.97
N TRP A 35 14.91 -12.52 31.86
CA TRP A 35 15.70 -12.16 33.03
C TRP A 35 14.89 -11.35 34.06
N ALA A 36 14.15 -10.36 33.57
CA ALA A 36 13.33 -9.49 34.41
C ALA A 36 12.25 -10.29 35.11
N MET A 37 11.59 -11.18 34.37
CA MET A 37 10.57 -12.08 34.93
C MET A 37 11.17 -13.02 35.97
N GLY A 38 12.45 -13.36 35.79
CA GLY A 38 13.14 -14.19 36.77
C GLY A 38 13.34 -13.47 38.09
N LEU A 39 13.54 -12.15 38.04
CA LEU A 39 13.66 -11.34 39.25
C LEU A 39 12.37 -11.49 40.05
N LEU A 40 11.26 -11.60 39.34
CA LEU A 40 9.94 -11.63 39.96
C LEU A 40 9.55 -13.01 40.49
N THR A 41 10.05 -14.05 39.83
CA THR A 41 9.76 -15.43 40.23
C THR A 41 11.03 -16.09 40.80
N ARG A 47 21.82 -10.18 43.71
CA ARG A 47 23.10 -10.44 43.05
C ARG A 47 23.59 -9.23 42.23
N PRO A 48 24.21 -8.24 42.91
CA PRO A 48 24.57 -6.94 42.31
C PRO A 48 25.54 -7.02 41.11
N GLU A 49 26.28 -8.12 41.02
CA GLU A 49 27.21 -8.33 39.91
C GLU A 49 26.49 -8.73 38.63
N ASP A 50 25.46 -9.57 38.77
CA ASP A 50 24.66 -10.02 37.65
C ASP A 50 23.71 -8.91 37.18
N VAL A 51 23.24 -8.10 38.13
CA VAL A 51 22.40 -6.94 37.80
C VAL A 51 23.21 -5.94 36.98
N ALA A 52 24.43 -5.66 37.43
CA ALA A 52 25.32 -4.73 36.73
C ALA A 52 25.59 -5.16 35.29
N ALA A 53 25.69 -6.46 35.06
CA ALA A 53 25.96 -7.01 33.73
C ALA A 53 24.74 -6.96 32.81
N ARG A 54 23.55 -6.82 33.40
CA ARG A 54 22.31 -6.80 32.60
C ARG A 54 21.87 -5.39 32.25
N PHE A 55 22.38 -4.41 32.98
CA PHE A 55 22.01 -3.01 32.79
C PHE A 55 23.08 -2.21 32.05
N ILE A 56 22.70 -1.06 31.49
CA ILE A 56 23.67 -0.14 30.90
C ILE A 56 24.81 0.17 31.89
N PRO A 57 26.03 0.44 31.36
CA PRO A 57 27.20 0.66 32.23
C PRO A 57 27.05 1.76 33.29
N THR A 58 26.23 2.78 33.01
CA THR A 58 26.09 3.93 33.91
C THR A 58 24.87 3.82 34.82
N PHE A 59 24.32 2.62 34.93
CA PHE A 59 23.12 2.38 35.75
C PHE A 59 23.33 2.78 37.21
N ASN A 64 19.96 0.26 45.78
CA ASN A 64 18.58 0.73 45.64
C ASN A 64 17.70 -0.25 44.87
N PHE A 65 18.30 -0.96 43.92
CA PHE A 65 17.57 -1.86 43.02
C PHE A 65 17.06 -3.12 43.72
N ALA A 66 17.83 -3.65 44.66
CA ALA A 66 17.44 -4.86 45.40
C ALA A 66 16.16 -4.63 46.20
N GLU A 67 16.04 -3.41 46.75
CA GLU A 67 14.85 -2.98 47.48
C GLU A 67 13.65 -2.81 46.56
N THR A 68 13.89 -2.24 45.37
CA THR A 68 12.84 -2.09 44.37
C THR A 68 12.29 -3.46 43.95
N VAL A 69 13.21 -4.41 43.79
CA VAL A 69 12.87 -5.78 43.39
C VAL A 69 12.10 -6.49 44.51
N ARG A 70 12.50 -6.26 45.75
CA ARG A 70 11.80 -6.76 46.95
C ARG A 70 10.35 -6.27 46.96
N GLU A 71 10.15 -4.98 46.70
CA GLU A 71 8.82 -4.39 46.65
C GLU A 71 7.99 -4.94 45.49
N TRP A 72 8.60 -5.08 44.31
CA TRP A 72 7.91 -5.73 43.19
C TRP A 72 7.47 -7.16 43.52
N ARG A 73 8.39 -7.93 44.09
CA ARG A 73 8.11 -9.33 44.41
C ARG A 73 6.95 -9.45 45.40
N SER A 74 6.85 -8.49 46.32
CA SER A 74 5.81 -8.50 47.36
C SER A 74 4.40 -8.37 46.79
N LYS A 75 4.31 -8.01 45.50
CA LYS A 75 3.01 -7.82 44.84
C LYS A 75 2.52 -9.07 44.11
N GLY A 76 3.37 -10.09 43.96
CA GLY A 76 3.00 -11.29 43.23
C GLY A 76 2.34 -12.33 44.14
N PRO A 77 2.30 -13.61 43.71
CA PRO A 77 2.87 -14.19 42.49
C PRO A 77 2.24 -13.65 41.21
N PHE A 78 3.02 -13.66 40.13
CA PHE A 78 2.60 -13.10 38.86
C PHE A 78 2.41 -14.17 37.81
N THR A 79 1.40 -13.96 36.97
CA THR A 79 1.16 -14.76 35.79
C THR A 79 1.24 -13.88 34.56
N VAL A 80 2.01 -14.29 33.55
CA VAL A 80 2.10 -13.57 32.27
C VAL A 80 0.78 -13.71 31.51
N ARG A 81 0.18 -12.58 31.16
CA ARG A 81 -1.07 -12.56 30.41
C ARG A 81 -0.97 -12.03 28.98
N ALA A 82 0.04 -11.21 28.73
CA ALA A 82 0.32 -10.67 27.39
C ALA A 82 1.79 -10.29 27.29
N TYR A 83 2.34 -10.44 26.09
CA TYR A 83 3.76 -10.13 25.85
C TYR A 83 3.85 -9.38 24.54
N HIS A 84 4.37 -8.15 24.62
CA HIS A 84 4.40 -7.26 23.47
C HIS A 84 5.82 -6.72 23.22
N PRO A 85 6.69 -7.53 22.60
CA PRO A 85 8.01 -7.01 22.24
C PRO A 85 7.98 -6.18 20.95
N VAL A 86 8.66 -5.04 20.94
CA VAL A 86 8.80 -4.21 19.73
C VAL A 86 10.21 -3.65 19.70
N ALA A 87 11.12 -4.41 19.08
CA ALA A 87 12.53 -4.03 18.96
C ALA A 87 13.16 -3.75 20.34
N HIS A 88 13.48 -2.49 20.64
CA HIS A 88 14.20 -2.14 21.87
C HIS A 88 13.25 -1.84 23.04
N LYS A 89 11.95 -1.94 22.77
CA LYS A 89 10.94 -1.69 23.81
C LYS A 89 10.03 -2.90 23.94
N GLY A 90 9.58 -3.17 25.16
CA GLY A 90 8.73 -4.34 25.36
C GLY A 90 7.82 -4.14 26.56
N TRP A 91 6.66 -4.80 26.50
CA TRP A 91 5.74 -4.74 27.63
C TRP A 91 5.21 -6.13 27.92
N VAL A 92 5.15 -6.47 29.21
CA VAL A 92 4.56 -7.73 29.68
C VAL A 92 3.40 -7.37 30.61
N VAL A 93 2.21 -7.84 30.28
CA VAL A 93 1.05 -7.68 31.17
C VAL A 93 1.03 -8.84 32.16
N LEU A 94 0.96 -8.53 33.46
CA LEU A 94 1.01 -9.54 34.53
C LEU A 94 -0.27 -9.49 35.35
N SER A 95 -0.81 -10.66 35.68
CA SER A 95 -1.86 -10.72 36.70
C SER A 95 -1.25 -11.16 38.03
N ALA A 96 -1.74 -10.57 39.10
CA ALA A 96 -1.27 -10.84 40.45
C ALA A 96 -2.49 -11.40 41.18
N PRO A 97 -2.37 -11.72 42.48
CA PRO A 97 -3.55 -12.22 43.20
C PRO A 97 -4.77 -11.30 43.05
N ALA A 98 -5.95 -11.91 43.13
CA ALA A 98 -7.23 -11.19 43.16
C ALA A 98 -7.52 -10.36 41.91
N GLY A 99 -6.91 -10.76 40.79
CA GLY A 99 -7.23 -10.19 39.49
C GLY A 99 -6.62 -8.81 39.25
N VAL A 100 -5.66 -8.44 40.09
CA VAL A 100 -4.97 -7.15 39.94
C VAL A 100 -3.92 -7.29 38.85
N ARG A 101 -3.84 -6.29 37.97
CA ARG A 101 -2.93 -6.38 36.84
C ARG A 101 -1.88 -5.29 36.80
N TYR A 102 -0.72 -5.64 36.28
CA TYR A 102 0.43 -4.74 36.19
C TYR A 102 1.04 -4.86 34.82
N ILE A 103 1.84 -3.86 34.44
CA ILE A 103 2.65 -3.94 33.21
C ILE A 103 4.10 -3.77 33.59
N LEU A 104 4.91 -4.72 33.11
CA LEU A 104 6.37 -4.65 33.19
C LEU A 104 6.83 -4.04 31.87
N SER A 105 7.53 -2.92 31.96
CA SER A 105 8.01 -2.19 30.76
C SER A 105 9.52 -2.27 30.71
N LEU A 106 10.05 -2.60 29.52
CA LEU A 106 11.50 -2.65 29.30
C LEU A 106 11.90 -1.72 28.15
N THR A 107 13.00 -1.02 28.34
CA THR A 107 13.63 -0.29 27.24
C THR A 107 15.09 -0.71 27.26
N LEU A 108 15.62 -1.08 26.09
CA LEU A 108 16.99 -1.57 26.00
C LEU A 108 17.86 -0.61 25.21
N ASP A 109 19.17 -0.73 25.41
CA ASP A 109 20.16 -0.05 24.57
C ASP A 109 20.44 -0.89 23.30
N SER A 110 21.37 -0.41 22.47
CA SER A 110 21.63 -1.02 21.15
C SER A 110 22.22 -2.43 21.16
N SER A 111 22.78 -2.86 22.28
CA SER A 111 23.31 -4.22 22.39
C SER A 111 22.50 -5.08 23.36
N GLY A 112 21.36 -4.57 23.81
CA GLY A 112 20.45 -5.40 24.61
C GLY A 112 20.55 -5.22 26.12
N LEU A 113 21.35 -4.28 26.58
CA LEU A 113 21.43 -3.97 28.01
C LEU A 113 20.17 -3.18 28.40
N ILE A 114 19.72 -3.35 29.64
CA ILE A 114 18.51 -2.67 30.09
C ILE A 114 18.80 -1.24 30.47
N ARG A 115 17.99 -0.32 29.91
CA ARG A 115 18.08 1.07 30.28
C ARG A 115 16.98 1.41 31.31
N ILE A 116 15.77 0.95 31.02
CA ILE A 116 14.61 1.22 31.88
C ILE A 116 13.88 -0.08 32.14
N LEU A 117 13.56 -0.31 33.43
CA LEU A 117 12.74 -1.45 33.83
C LEU A 117 11.78 -0.98 34.90
N THR A 118 10.49 -1.04 34.60
CA THR A 118 9.47 -0.58 35.57
C THR A 118 8.34 -1.57 35.68
N LEU A 119 7.72 -1.57 36.86
CA LEU A 119 6.52 -2.37 37.09
C LEU A 119 5.44 -1.44 37.63
N LYS A 120 4.34 -1.34 36.89
CA LYS A 120 3.35 -0.28 37.15
C LYS A 120 1.93 -0.84 37.04
N PRO A 121 0.96 -0.20 37.73
CA PRO A 121 -0.42 -0.61 37.49
C PRO A 121 -0.80 -0.62 36.01
N GLU A 122 -1.57 -1.63 35.63
CA GLU A 122 -1.97 -1.80 34.25
C GLU A 122 -2.66 -0.55 33.68
N THR A 123 -2.35 -0.23 32.43
CA THR A 123 -3.06 0.77 31.69
C THR A 123 -4.21 0.07 30.96
N VAL A 124 -5.43 0.56 31.18
CA VAL A 124 -6.63 -0.06 30.61
C VAL A 124 -7.19 0.70 29.41
N ILE A 125 -7.26 0.02 28.27
CA ILE A 125 -7.79 0.60 27.04
C ILE A 125 -8.75 -0.39 26.41
N PRO A 126 -10.02 0.01 26.26
CA PRO A 126 -11.01 -0.87 25.66
C PRO A 126 -10.78 -1.03 24.16
N ASP A 127 -11.36 -2.08 23.57
CA ASP A 127 -11.47 -2.17 22.11
C ASP A 127 -12.39 -1.06 21.61
N MET A 128 -11.95 -0.39 20.55
CA MET A 128 -12.66 0.77 20.04
C MET A 128 -13.62 0.40 18.91
N VAL A 129 -14.84 0.89 19.03
CA VAL A 129 -15.85 0.64 18.01
C VAL A 129 -16.08 1.92 17.23
N THR A 130 -16.08 3.04 17.93
CA THR A 130 -16.34 4.33 17.31
C THR A 130 -15.30 5.34 17.73
N TRP A 131 -15.21 6.44 17.00
CA TRP A 131 -14.31 7.52 17.39
C TRP A 131 -14.71 8.15 18.73
N ASN A 132 -16.01 8.13 19.04
CA ASN A 132 -16.44 8.63 20.34
C ASN A 132 -15.89 7.78 21.49
N ASP A 133 -15.70 6.48 21.26
CA ASP A 133 -15.00 5.63 22.23
C ASP A 133 -13.58 6.10 22.50
N VAL A 134 -12.89 6.52 21.44
CA VAL A 134 -11.55 7.05 21.59
C VAL A 134 -11.57 8.31 22.46
N GLU A 135 -12.42 9.27 22.10
CA GLU A 135 -12.50 10.54 22.81
C GLU A 135 -12.86 10.36 24.29
N GLU A 136 -13.85 9.51 24.56
CA GLU A 136 -14.30 9.33 25.95
C GLU A 136 -13.35 8.49 26.79
N THR A 137 -12.54 7.66 26.14
CA THR A 137 -11.48 6.95 26.85
C THR A 137 -10.35 7.93 27.21
N LEU A 138 -9.96 8.74 26.23
CA LEU A 138 -8.79 9.60 26.36
C LEU A 138 -8.99 10.77 27.32
N HIS A 139 -10.19 11.35 27.30
CA HIS A 139 -10.41 12.58 28.03
C HIS A 139 -10.02 12.48 29.51
N THR A 140 -9.17 13.42 29.93
CA THR A 140 -8.73 13.51 31.32
C THR A 140 -8.79 14.96 31.78
N PRO A 141 -9.61 15.25 32.80
CA PRO A 141 -9.63 16.62 33.31
C PRO A 141 -8.22 17.14 33.63
N GLY A 142 -7.91 18.32 33.12
CA GLY A 142 -6.62 18.94 33.31
C GLY A 142 -5.65 18.67 32.17
N VAL A 143 -6.06 17.82 31.22
CA VAL A 143 -5.19 17.47 30.08
C VAL A 143 -5.85 17.97 28.80
N GLN A 144 -5.08 18.74 28.01
CA GLN A 144 -5.53 19.11 26.68
C GLN A 144 -5.15 17.97 25.77
N HIS A 145 -6.09 17.49 24.97
CA HIS A 145 -5.73 16.42 24.03
C HIS A 145 -6.19 16.73 22.63
N SER A 146 -5.66 15.98 21.67
CA SER A 146 -6.05 16.13 20.28
C SER A 146 -5.89 14.80 19.55
N VAL A 147 -6.89 14.44 18.75
CA VAL A 147 -6.85 13.24 17.92
C VAL A 147 -7.15 13.70 16.49
N TYR A 148 -6.28 13.34 15.55
CA TYR A 148 -6.49 13.70 14.17
C TYR A 148 -6.17 12.51 13.29
N ALA A 149 -7.12 12.11 12.45
CA ALA A 149 -6.93 10.96 11.60
C ALA A 149 -7.41 11.33 10.20
N VAL A 150 -6.57 11.05 9.20
CA VAL A 150 -6.90 11.39 7.81
C VAL A 150 -6.50 10.26 6.86
N ARG A 151 -7.17 10.22 5.70
CA ARG A 151 -6.73 9.40 4.58
C ARG A 151 -6.12 10.35 3.55
N LEU A 152 -4.91 10.05 3.11
CA LEU A 152 -4.25 10.85 2.09
C LEU A 152 -4.74 10.41 0.73
N THR A 153 -5.09 11.37 -0.12
CA THR A 153 -5.50 11.04 -1.48
C THR A 153 -4.85 12.00 -2.48
N PRO A 154 -4.88 11.65 -3.79
CA PRO A 154 -4.39 12.57 -4.81
C PRO A 154 -5.08 13.94 -4.70
N ASP A 155 -6.37 13.89 -4.37
CA ASP A 155 -7.22 15.07 -4.33
C ASP A 155 -7.25 15.79 -2.97
N GLY A 156 -6.38 15.38 -2.04
CA GLY A 156 -6.28 16.02 -0.72
C GLY A 156 -6.55 15.07 0.44
N HIS A 157 -6.67 15.61 1.64
CA HIS A 157 -6.85 14.79 2.85
C HIS A 157 -8.34 14.59 3.15
N GLU A 158 -8.76 13.34 3.36
CA GLU A 158 -10.10 13.06 3.83
C GLU A 158 -10.02 12.95 5.35
N VAL A 159 -10.74 13.81 6.06
CA VAL A 159 -10.74 13.76 7.53
C VAL A 159 -11.65 12.64 8.04
N LEU A 160 -11.08 11.75 8.84
CA LEU A 160 -11.82 10.64 9.41
C LEU A 160 -12.30 10.99 10.81
N HIS A 161 -11.49 11.76 11.53
CA HIS A 161 -11.85 12.25 12.84
C HIS A 161 -10.96 13.41 13.22
N ALA A 162 -11.51 14.39 13.93
CA ALA A 162 -10.72 15.51 14.37
C ALA A 162 -11.19 16.07 15.71
N SER A 163 -10.28 16.14 16.67
CA SER A 163 -10.51 16.92 17.89
C SER A 163 -9.31 17.85 18.07
N ALA A 164 -9.57 19.15 18.01
CA ALA A 164 -8.57 20.20 18.19
C ALA A 164 -7.30 20.09 17.34
N PRO A 165 -7.42 19.69 16.05
CA PRO A 165 -6.18 19.59 15.27
C PRO A 165 -5.51 20.95 15.07
N GLU A 166 -6.28 22.02 15.14
CA GLU A 166 -5.76 23.35 14.90
C GLU A 166 -4.99 23.91 16.08
N ARG A 167 -5.11 23.27 17.24
CA ARG A 167 -4.43 23.77 18.43
C ARG A 167 -2.92 23.47 18.34
N PRO A 168 -2.06 24.48 18.39
CA PRO A 168 -0.63 24.20 18.47
C PRO A 168 -0.33 23.65 19.85
N MET A 169 0.40 22.54 19.91
CA MET A 169 0.73 21.90 21.19
C MET A 169 2.21 21.53 21.15
N PRO A 170 2.83 21.41 22.34
CA PRO A 170 4.21 20.89 22.39
C PRO A 170 4.23 19.43 21.93
N THR A 171 5.31 19.02 21.27
CA THR A 171 5.32 17.67 20.70
C THR A 171 6.61 16.91 20.93
N GLY A 172 7.52 17.47 21.74
CA GLY A 172 8.78 16.78 22.04
C GLY A 172 9.47 16.36 20.75
N SER A 173 9.92 15.11 20.71
CA SER A 173 10.72 14.61 19.57
C SER A 173 10.03 14.46 18.22
N ALA A 174 8.75 14.83 18.11
CA ALA A 174 8.16 15.04 16.79
C ALA A 174 9.02 16.00 15.96
N TYR A 175 9.78 16.86 16.65
CA TYR A 175 10.61 17.83 15.96
C TYR A 175 11.66 17.13 15.11
N LYS A 176 12.04 15.90 15.49
CA LYS A 176 13.07 15.16 14.75
C LYS A 176 12.57 14.83 13.33
N LEU A 177 11.27 14.83 13.12
CA LEU A 177 10.73 14.66 11.77
C LEU A 177 11.06 15.85 10.89
N TYR A 178 10.98 17.05 11.47
CA TYR A 178 11.40 18.26 10.75
C TYR A 178 12.89 18.27 10.51
N LEU A 179 13.67 17.82 11.48
CA LEU A 179 15.12 17.72 11.29
C LEU A 179 15.45 16.75 10.14
N MET A 180 14.71 15.64 10.08
CA MET A 180 14.88 14.68 9.00
C MET A 180 14.57 15.31 7.64
N ARG A 181 13.47 16.06 7.54
CA ARG A 181 13.16 16.69 6.25
C ARG A 181 14.23 17.73 5.87
N ALA A 182 14.76 18.44 6.85
CA ALA A 182 15.82 19.42 6.59
C ALA A 182 17.06 18.72 6.06
N LEU A 183 17.39 17.60 6.70
CA LEU A 183 18.55 16.81 6.29
C LEU A 183 18.38 16.29 4.88
N VAL A 184 17.21 15.75 4.56
CA VAL A 184 16.94 15.22 3.22
C VAL A 184 17.08 16.34 2.18
N ALA A 185 16.58 17.53 2.50
CA ALA A 185 16.66 18.68 1.60
C ALA A 185 18.11 19.06 1.31
N GLU A 186 18.96 19.03 2.33
CA GLU A 186 20.40 19.29 2.12
C GLU A 186 21.13 18.18 1.36
N ILE A 187 20.75 16.93 1.59
CA ILE A 187 21.28 15.81 0.80
C ILE A 187 20.95 16.05 -0.68
N GLU A 188 19.71 16.42 -0.97
CA GLU A 188 19.27 16.67 -2.34
C GLU A 188 20.02 17.84 -2.98
N LYS A 189 20.37 18.85 -2.18
CA LYS A 189 21.12 20.03 -2.66
C LYS A 189 22.61 19.73 -2.79
N GLY A 190 23.05 18.63 -2.19
CA GLY A 190 24.46 18.21 -2.23
C GLY A 190 25.37 18.91 -1.25
N THR A 191 24.81 19.51 -0.20
CA THR A 191 25.63 20.20 0.82
C THR A 191 26.08 19.25 1.95
N VAL A 192 25.49 18.06 1.98
CA VAL A 192 25.80 17.01 2.95
C VAL A 192 25.62 15.66 2.28
N GLY A 193 26.34 14.64 2.75
CA GLY A 193 26.24 13.28 2.19
C GLY A 193 25.90 12.27 3.25
N TRP A 194 25.24 11.18 2.85
CA TRP A 194 24.87 10.11 3.81
C TRP A 194 26.08 9.48 4.45
N ASP A 195 27.20 9.42 3.72
CA ASP A 195 28.38 8.74 4.25
C ASP A 195 29.39 9.69 4.88
N GLU A 196 29.04 10.97 4.91
CA GLU A 196 29.83 11.97 5.61
C GLU A 196 29.92 11.64 7.10
N ILE A 197 31.08 11.92 7.70
CA ILE A 197 31.35 11.56 9.09
C ILE A 197 31.04 12.72 10.03
N LEU A 198 30.27 12.42 11.07
CA LEU A 198 30.05 13.32 12.19
C LEU A 198 30.85 12.81 13.39
N THR A 199 31.23 13.72 14.28
CA THR A 199 32.10 13.34 15.38
C THR A 199 31.50 13.76 16.72
N LEU A 200 31.33 12.80 17.62
CA LEU A 200 30.79 13.09 18.95
C LEU A 200 31.83 13.80 19.81
N THR A 201 31.44 14.94 20.36
CA THR A 201 32.28 15.69 21.30
C THR A 201 31.55 15.83 22.63
N PRO A 202 32.27 16.15 23.72
CA PRO A 202 31.60 16.37 25.00
C PRO A 202 30.46 17.39 24.96
N GLU A 203 30.62 18.43 24.16
CA GLU A 203 29.61 19.49 24.01
C GLU A 203 28.34 19.04 23.26
N LEU A 204 28.50 18.02 22.41
CA LEU A 204 27.41 17.53 21.58
C LEU A 204 26.61 16.41 22.23
N ARG A 205 27.10 15.88 23.35
CA ARG A 205 26.40 14.82 24.06
C ARG A 205 25.12 15.35 24.74
N SER A 206 24.01 14.65 24.55
CA SER A 206 22.74 14.99 25.20
C SER A 206 22.32 13.84 26.13
N LEU A 207 21.10 13.91 26.66
CA LEU A 207 20.57 12.85 27.54
C LEU A 207 19.77 11.83 26.73
N PRO A 208 19.49 10.66 27.31
CA PRO A 208 18.52 9.78 26.62
C PRO A 208 17.16 10.48 26.59
N THR A 209 16.21 10.07 25.76
CA THR A 209 16.25 8.89 24.90
C THR A 209 17.40 8.83 23.91
N GLY A 210 17.83 7.61 23.65
CA GLY A 210 18.89 7.35 22.68
C GLY A 210 20.00 6.55 23.30
N ASP A 211 20.95 6.16 22.45
CA ASP A 211 22.13 5.41 22.86
C ASP A 211 23.44 6.10 22.50
N MET A 212 23.42 7.02 21.55
CA MET A 212 24.68 7.60 21.07
C MET A 212 25.48 8.36 22.15
N GLN A 213 24.79 8.83 23.18
CA GLN A 213 25.46 9.51 24.29
C GLN A 213 26.43 8.59 25.04
N ASP A 214 26.22 7.28 24.89
CA ASP A 214 27.06 6.28 25.57
C ASP A 214 28.35 5.95 24.80
N LEU A 215 28.50 6.52 23.61
CA LEU A 215 29.71 6.37 22.82
C LEU A 215 30.81 7.26 23.38
N PRO A 216 32.08 6.86 23.24
CA PRO A 216 33.11 7.76 23.75
C PRO A 216 33.35 9.04 22.94
N ASP A 217 33.95 10.03 23.58
CA ASP A 217 34.34 11.27 22.91
C ASP A 217 35.18 10.93 21.69
N GLY A 218 34.92 11.64 20.60
CA GLY A 218 35.67 11.47 19.37
C GLY A 218 35.11 10.39 18.45
N THR A 219 34.04 9.72 18.86
CA THR A 219 33.49 8.64 18.05
C THR A 219 33.00 9.19 16.72
N ARG A 220 33.39 8.52 15.64
CA ARG A 220 33.05 8.90 14.28
C ARG A 220 31.92 8.03 13.75
N VAL A 221 30.87 8.69 13.27
CA VAL A 221 29.64 8.03 12.83
C VAL A 221 29.12 8.69 11.53
N THR A 222 28.57 7.91 10.61
CA THR A 222 28.06 8.50 9.38
C THR A 222 26.78 9.28 9.64
N VAL A 223 26.48 10.22 8.77
CA VAL A 223 25.20 10.94 8.78
C VAL A 223 24.04 9.94 8.71
N ARG A 224 24.16 8.94 7.85
CA ARG A 224 23.12 7.92 7.71
C ARG A 224 22.85 7.22 9.04
N GLU A 225 23.90 6.77 9.71
CA GLU A 225 23.64 5.99 10.93
C GLU A 225 23.16 6.89 12.06
N THR A 226 23.60 8.14 12.05
CA THR A 226 23.14 9.11 13.06
C THR A 226 21.67 9.43 12.87
N ALA A 227 21.26 9.66 11.63
CA ALA A 227 19.85 9.92 11.33
C ALA A 227 19.00 8.69 11.66
N HIS A 228 19.54 7.51 11.42
CA HIS A 228 18.80 6.28 11.72
C HIS A 228 18.47 6.24 13.20
N LYS A 229 19.45 6.52 14.04
CA LYS A 229 19.24 6.45 15.49
C LYS A 229 18.37 7.62 15.96
N MET A 230 18.54 8.78 15.33
CA MET A 230 17.73 9.95 15.62
C MET A 230 16.24 9.61 15.52
N ILE A 231 15.85 8.91 14.47
CA ILE A 231 14.45 8.53 14.26
C ILE A 231 14.10 7.26 15.07
N ALA A 232 14.78 6.14 14.78
CA ALA A 232 14.39 4.84 15.30
C ALA A 232 14.48 4.72 16.81
N LEU A 233 15.49 5.37 17.40
CA LEU A 233 15.67 5.33 18.86
C LEU A 233 15.26 6.65 19.50
N SER A 234 14.73 7.58 18.71
CA SER A 234 14.53 8.94 19.20
C SER A 234 15.79 9.46 19.88
N ASP A 235 16.92 9.24 19.22
CA ASP A 235 18.20 9.53 19.82
C ASP A 235 18.46 11.02 19.89
N ASN A 236 18.47 11.56 21.09
CA ASN A 236 18.68 13.00 21.28
C ASN A 236 20.08 13.48 20.86
N THR A 237 21.08 12.67 21.18
CA THR A 237 22.43 12.99 20.79
C THR A 237 22.56 12.92 19.26
N GLY A 238 21.96 11.90 18.64
CA GLY A 238 21.93 11.81 17.18
C GLY A 238 21.29 13.05 16.58
N ALA A 239 20.14 13.45 17.11
CA ALA A 239 19.47 14.65 16.60
C ALA A 239 20.36 15.88 16.76
N ASP A 240 21.01 16.02 17.91
CA ASP A 240 21.89 17.16 18.13
C ASP A 240 23.09 17.16 17.18
N LEU A 241 23.59 15.98 16.82
CA LEU A 241 24.72 15.91 15.87
C LEU A 241 24.26 16.38 14.51
N VAL A 242 23.06 15.96 14.10
CA VAL A 242 22.51 16.37 12.81
C VAL A 242 22.23 17.88 12.81
N ALA A 243 21.64 18.39 13.88
CA ALA A 243 21.28 19.82 13.95
C ALA A 243 22.53 20.68 13.96
N ASP A 244 23.60 20.21 14.58
CA ASP A 244 24.89 20.91 14.55
C ASP A 244 25.47 20.93 13.15
N ARG A 245 25.43 19.79 12.46
CA ARG A 245 25.96 19.72 11.11
C ARG A 245 25.22 20.61 10.12
N LEU A 246 23.89 20.65 10.23
CA LEU A 246 23.07 21.49 9.34
C LEU A 246 23.16 22.97 9.71
N GLY A 247 23.14 23.26 11.01
CA GLY A 247 23.11 24.63 11.50
C GLY A 247 21.68 25.04 11.78
N ARG A 248 21.49 25.75 12.89
CA ARG A 248 20.15 26.14 13.31
C ARG A 248 19.39 26.93 12.23
N GLU A 249 20.09 27.82 11.53
CA GLU A 249 19.45 28.72 10.57
C GLU A 249 18.94 27.97 9.35
N VAL A 250 19.71 26.96 8.93
CA VAL A 250 19.33 26.08 7.83
C VAL A 250 18.08 25.28 8.21
N VAL A 251 18.06 24.74 9.42
CA VAL A 251 16.88 24.01 9.87
C VAL A 251 15.67 24.96 9.91
N GLU A 252 15.86 26.14 10.49
CA GLU A 252 14.74 27.10 10.56
C GLU A 252 14.20 27.49 9.19
N ARG A 253 15.11 27.69 8.24
CA ARG A 253 14.69 28.03 6.88
C ARG A 253 13.95 26.89 6.16
N SER A 254 14.10 25.66 6.65
CA SER A 254 13.47 24.53 5.99
C SER A 254 12.04 24.30 6.47
N LEU A 255 11.68 24.89 7.61
CA LEU A 255 10.41 24.54 8.28
C LEU A 255 9.14 24.71 7.48
N ALA A 256 8.99 25.86 6.80
CA ALA A 256 7.77 26.12 6.05
C ALA A 256 7.55 25.10 4.94
N ALA A 257 8.59 24.89 4.14
CA ALA A 257 8.50 23.95 3.00
C ALA A 257 8.30 22.52 3.50
N ALA A 258 8.84 22.23 4.69
CA ALA A 258 8.76 20.89 5.29
C ALA A 258 7.34 20.58 5.79
N GLY A 259 6.56 21.63 6.04
CA GLY A 259 5.15 21.46 6.39
C GLY A 259 4.61 22.31 7.53
N HIS A 260 5.43 23.19 8.11
CA HIS A 260 5.00 23.91 9.32
C HIS A 260 4.30 25.23 8.98
N HIS A 261 3.08 25.39 9.50
CA HIS A 261 2.22 26.53 9.15
C HIS A 261 2.72 27.86 9.70
N ASP A 262 3.55 27.83 10.75
CA ASP A 262 4.02 29.03 11.42
C ASP A 262 5.35 28.79 12.12
N PRO A 263 6.44 28.79 11.34
CA PRO A 263 7.77 28.51 11.86
C PRO A 263 8.17 29.32 13.08
N SER A 264 7.59 30.52 13.25
CA SER A 264 7.92 31.35 14.41
C SER A 264 7.62 30.66 15.75
N LEU A 265 6.67 29.74 15.75
CA LEU A 265 6.35 28.97 16.97
C LEU A 265 7.52 28.11 17.43
N MET A 266 8.42 27.80 16.50
CA MET A 266 9.60 26.97 16.77
C MET A 266 10.89 27.70 16.45
N ARG A 267 10.93 28.98 16.77
CA ARG A 267 12.17 29.74 16.70
C ARG A 267 12.46 30.42 18.02
N PRO A 268 13.71 30.31 18.51
CA PRO A 268 14.81 29.52 17.93
C PRO A 268 14.49 28.02 17.97
N PHE A 269 14.95 27.29 16.96
CA PHE A 269 14.68 25.86 16.88
C PHE A 269 15.67 25.15 17.80
N LEU A 270 15.14 24.67 18.93
CA LEU A 270 15.98 24.18 20.01
C LEU A 270 16.56 22.81 19.73
N THR A 271 17.76 22.58 20.27
CA THR A 271 18.29 21.22 20.33
C THR A 271 17.77 20.54 21.59
N SER A 272 17.85 19.21 21.65
CA SER A 272 17.44 18.48 22.86
C SER A 272 18.30 18.92 24.05
N HIS A 273 19.61 19.04 23.83
CA HIS A 273 20.59 19.54 24.83
C HIS A 273 20.10 20.88 25.39
N GLU A 274 19.69 21.81 24.51
CA GLU A 274 19.17 23.11 24.95
C GLU A 274 17.89 23.01 25.77
N VAL A 275 16.95 22.17 25.34
CA VAL A 275 15.73 21.97 26.13
C VAL A 275 16.04 21.43 27.52
N PHE A 276 16.92 20.43 27.60
CA PHE A 276 17.27 19.87 28.91
C PHE A 276 17.95 20.90 29.79
N GLU A 277 18.99 21.53 29.26
CA GLU A 277 19.81 22.45 30.04
C GLU A 277 19.02 23.68 30.45
N LEU A 278 18.30 24.27 29.49
CA LEU A 278 17.49 25.45 29.80
C LEU A 278 16.31 25.10 30.69
N GLY A 279 15.62 24.00 30.37
CA GLY A 279 14.39 23.67 31.05
C GLY A 279 14.56 23.30 32.51
N TRP A 280 15.67 22.65 32.86
CA TRP A 280 15.85 22.13 34.23
C TRP A 280 17.17 22.55 34.88
N GLY A 281 17.91 23.46 34.25
CA GLY A 281 19.10 24.04 34.85
C GLY A 281 18.78 25.34 35.57
N ASP A 282 19.76 26.25 35.56
CA ASP A 282 19.68 27.55 36.23
C ASP A 282 18.30 28.22 36.08
N PRO A 283 17.58 28.43 37.19
CA PRO A 283 16.25 29.06 37.17
C PRO A 283 16.23 30.50 36.62
N GLU A 284 17.31 31.25 36.85
CA GLU A 284 17.44 32.63 36.40
C GLU A 284 17.54 32.72 34.88
N ARG A 285 18.35 31.82 34.31
CA ARG A 285 18.52 31.71 32.86
C ARG A 285 17.17 31.41 32.20
N ARG A 286 16.39 30.54 32.83
CA ARG A 286 15.08 30.18 32.32
C ARG A 286 14.10 31.36 32.38
N ALA A 287 14.12 32.12 33.48
CA ALA A 287 13.31 33.33 33.59
C ALA A 287 13.68 34.38 32.53
N GLU A 288 14.97 34.51 32.25
CA GLU A 288 15.46 35.41 31.20
C GLU A 288 14.94 35.00 29.81
N TRP A 289 14.98 33.71 29.50
CA TRP A 289 14.39 33.19 28.26
C TRP A 289 12.96 33.70 28.11
N VAL A 290 12.16 33.52 29.14
CA VAL A 290 10.75 33.93 29.12
C VAL A 290 10.59 35.41 28.76
N ARG A 291 11.47 36.25 29.32
CA ARG A 291 11.44 37.70 29.12
C ARG A 291 11.93 38.14 27.74
N GLN A 292 12.74 37.32 27.09
CA GLN A 292 13.45 37.74 25.86
C GLN A 292 12.68 37.53 24.55
N ASP A 293 13.07 38.31 23.54
CA ASP A 293 12.56 38.12 22.18
C ASP A 293 13.44 37.11 21.43
N GLU A 294 13.19 36.91 20.14
CA GLU A 294 13.94 35.87 19.41
C GLU A 294 15.45 36.14 19.41
N ALA A 295 15.85 37.38 19.20
CA ALA A 295 17.26 37.76 19.22
C ALA A 295 17.88 37.46 20.58
N GLY A 296 17.21 37.89 21.65
CA GLY A 296 17.72 37.65 23.00
C GLY A 296 17.82 36.18 23.33
N ARG A 297 16.87 35.40 22.80
CA ARG A 297 16.85 33.94 23.03
C ARG A 297 18.02 33.28 22.32
N ARG A 298 18.30 33.72 21.08
CA ARG A 298 19.47 33.22 20.36
C ARG A 298 20.77 33.52 21.12
N GLU A 299 20.87 34.73 21.66
CA GLU A 299 22.06 35.14 22.41
C GLU A 299 22.22 34.31 23.67
N LEU A 300 21.12 34.09 24.39
CA LEU A 300 21.15 33.24 25.59
C LEU A 300 21.61 31.81 25.26
N LEU A 301 21.09 31.25 24.17
CA LEU A 301 21.46 29.87 23.80
C LEU A 301 22.95 29.74 23.45
N GLU A 302 23.49 30.76 22.81
CA GLU A 302 24.90 30.76 22.43
C GLU A 302 25.79 30.81 23.68
N LYS A 303 25.37 31.58 24.67
CA LYS A 303 26.10 31.70 25.94
C LYS A 303 26.03 30.40 26.76
N MET A 304 24.98 29.62 26.52
CA MET A 304 24.76 28.37 27.25
C MET A 304 25.52 27.20 26.64
N ALA A 305 26.10 27.40 25.45
CA ALA A 305 26.85 26.35 24.75
C ALA A 305 27.96 25.76 25.63
N GLY A 306 28.09 24.44 25.57
CA GLY A 306 29.11 23.75 26.35
C GLY A 306 28.61 22.38 26.80
N VAL A 307 29.33 21.79 27.74
CA VAL A 307 28.99 20.47 28.26
C VAL A 307 27.80 20.59 29.22
N MET A 308 26.81 19.71 29.06
CA MET A 308 25.61 19.70 29.90
C MET A 308 25.93 19.61 31.40
N THR A 309 25.11 20.28 32.21
CA THR A 309 25.17 20.14 33.67
C THR A 309 23.96 19.38 34.19
N VAL A 310 22.83 19.51 33.50
CA VAL A 310 21.59 18.87 33.85
C VAL A 310 21.68 17.37 33.64
N ARG A 311 21.09 16.62 34.57
CA ARG A 311 21.02 15.16 34.50
C ARG A 311 19.55 14.71 34.45
N GLY A 312 19.32 13.45 34.09
CA GLY A 312 17.95 12.91 34.01
C GLY A 312 17.11 13.05 35.26
N SER A 313 17.74 12.92 36.43
CA SER A 313 17.06 13.06 37.72
C SER A 313 16.49 14.47 38.00
N ASP A 314 17.01 15.47 37.28
CA ASP A 314 16.58 16.87 37.43
C ASP A 314 15.21 17.17 36.80
N LEU A 315 14.79 16.34 35.85
CA LEU A 315 13.52 16.56 35.16
C LEU A 315 12.33 16.31 36.06
N GLY A 316 11.25 17.05 35.83
CA GLY A 316 10.06 16.91 36.64
C GLY A 316 9.06 17.99 36.29
N ALA A 317 9.41 19.24 36.60
CA ALA A 317 8.52 20.38 36.40
C ALA A 317 8.29 20.62 34.90
N THR A 318 7.08 21.03 34.56
CA THR A 318 6.76 21.31 33.16
C THR A 318 7.27 22.68 32.75
N VAL A 319 7.83 22.75 31.54
CA VAL A 319 8.35 24.01 30.99
C VAL A 319 7.87 24.26 29.56
N HIS A 320 7.05 23.36 29.01
CA HIS A 320 6.60 23.52 27.61
C HIS A 320 5.81 24.81 27.44
N GLN A 321 5.13 25.23 28.51
CA GLN A 321 4.33 26.47 28.50
C GLN A 321 5.18 27.72 28.33
N LEU A 322 6.48 27.59 28.55
CA LEU A 322 7.43 28.71 28.43
C LEU A 322 8.05 28.75 27.03
N GLY A 323 7.60 27.84 26.17
CA GLY A 323 8.16 27.71 24.82
C GLY A 323 9.37 26.79 24.74
N ILE A 324 9.68 26.11 25.85
CA ILE A 324 10.86 25.24 25.91
C ILE A 324 10.43 23.82 25.52
N ASP A 325 10.15 23.69 24.22
CA ASP A 325 9.68 22.45 23.59
C ASP A 325 9.57 22.80 22.10
N TRP A 326 8.79 22.04 21.35
CA TRP A 326 8.62 22.26 19.92
C TRP A 326 7.13 22.20 19.61
N HIS A 327 6.56 23.35 19.27
CA HIS A 327 5.11 23.45 19.15
C HIS A 327 4.65 23.41 17.70
N MET A 328 3.62 22.61 17.46
CA MET A 328 3.07 22.47 16.12
C MET A 328 1.62 22.01 16.22
N ASP A 329 0.83 22.26 15.18
CA ASP A 329 -0.53 21.72 15.17
C ASP A 329 -0.57 20.33 14.53
N ALA A 330 -1.72 19.68 14.57
CA ALA A 330 -1.83 18.32 14.03
C ALA A 330 -1.63 18.34 12.51
N PHE A 331 -2.04 19.43 11.87
CA PHE A 331 -1.88 19.57 10.42
C PHE A 331 -0.41 19.60 10.04
N ASP A 332 0.42 20.21 10.89
CA ASP A 332 1.89 20.29 10.71
C ASP A 332 2.50 18.88 10.77
N VAL A 333 1.96 18.04 11.65
CA VAL A 333 2.45 16.67 11.76
C VAL A 333 2.06 15.85 10.51
N VAL A 334 0.81 15.96 10.08
CA VAL A 334 0.40 15.28 8.84
C VAL A 334 1.27 15.71 7.65
N ARG A 335 1.47 17.01 7.51
CA ARG A 335 2.26 17.49 6.36
C ARG A 335 3.70 16.98 6.41
N VAL A 336 4.34 16.94 7.58
CA VAL A 336 5.72 16.48 7.64
C VAL A 336 5.82 14.97 7.32
N LEU A 337 4.83 14.18 7.77
CA LEU A 337 4.81 12.76 7.46
C LEU A 337 4.53 12.51 5.97
N GLU A 338 3.55 13.22 5.40
CA GLU A 338 3.28 13.06 3.98
C GLU A 338 4.50 13.49 3.17
N GLY A 339 5.15 14.55 3.64
CA GLY A 339 6.37 15.02 2.99
C GLY A 339 7.48 13.99 3.04
N LEU A 340 7.65 13.34 4.19
CA LEU A 340 8.65 12.29 4.30
C LEU A 340 8.32 11.08 3.40
N LEU A 341 7.04 10.78 3.22
CA LEU A 341 6.63 9.73 2.30
C LEU A 341 7.10 10.11 0.87
N GLN A 342 6.90 11.37 0.52
CA GLN A 342 7.34 11.88 -0.79
C GLN A 342 8.87 11.81 -0.91
N ASP A 343 9.56 12.26 0.15
CA ASP A 343 11.03 12.23 0.19
C ASP A 343 11.54 10.81 0.03
N SER A 344 10.86 9.87 0.68
CA SER A 344 11.30 8.48 0.59
C SER A 344 11.23 7.93 -0.82
N GLY A 345 10.12 8.19 -1.50
CA GLY A 345 9.87 7.70 -2.86
C GLY A 345 10.87 8.27 -3.85
N ARG A 346 11.25 9.52 -3.64
CA ARG A 346 12.25 10.19 -4.50
C ARG A 346 13.64 9.63 -4.29
N ASP A 347 13.93 9.15 -3.08
CA ASP A 347 15.25 8.64 -2.79
C ASP A 347 15.35 7.18 -3.26
N THR A 348 15.82 7.00 -4.48
CA THR A 348 15.88 5.65 -5.05
C THR A 348 16.84 4.67 -4.35
N SER A 349 17.73 5.19 -3.50
CA SER A 349 18.66 4.33 -2.75
C SER A 349 18.00 3.58 -1.60
N GLY A 350 16.81 4.03 -1.20
CA GLY A 350 16.11 3.41 -0.09
C GLY A 350 16.65 3.79 1.29
N THR A 351 17.55 4.79 1.34
CA THR A 351 18.15 5.19 2.62
C THR A 351 17.12 5.83 3.55
N VAL A 352 16.35 6.78 3.02
CA VAL A 352 15.29 7.43 3.79
C VAL A 352 14.28 6.38 4.28
N GLU A 353 13.84 5.51 3.38
CA GLU A 353 12.84 4.51 3.76
C GLU A 353 13.31 3.60 4.90
N GLU A 354 14.56 3.16 4.83
CA GLU A 354 15.12 2.30 5.85
C GLU A 354 15.08 2.99 7.22
N ILE A 355 15.43 4.27 7.25
CA ILE A 355 15.43 5.05 8.50
C ILE A 355 14.01 5.16 9.04
N LEU A 356 13.05 5.46 8.18
CA LEU A 356 11.69 5.79 8.63
C LEU A 356 10.89 4.58 9.07
N THR A 357 11.23 3.42 8.55
CA THR A 357 10.46 2.19 8.82
C THR A 357 11.08 1.28 9.87
N ALA A 358 12.28 1.62 10.37
CA ALA A 358 13.00 0.77 11.31
C ALA A 358 12.22 0.42 12.58
N TYR A 359 11.51 1.39 13.15
CA TYR A 359 10.80 1.19 14.41
C TYR A 359 9.37 1.72 14.30
N PRO A 360 8.38 0.81 14.19
CA PRO A 360 6.99 1.25 14.00
C PRO A 360 6.18 1.53 15.28
N GLY A 361 6.83 1.34 16.43
CA GLY A 361 6.25 1.64 17.72
C GLY A 361 5.21 0.65 18.21
N LEU A 362 4.84 -0.31 17.36
CA LEU A 362 3.83 -1.33 17.67
C LEU A 362 4.17 -2.58 16.90
N LEU A 363 3.57 -3.70 17.29
CA LEU A 363 3.51 -4.88 16.40
C LEU A 363 2.48 -4.60 15.30
N ILE A 364 2.96 -4.60 14.06
CA ILE A 364 2.18 -4.23 12.89
C ILE A 364 1.76 -5.46 12.09
N ASP A 365 0.50 -5.44 11.65
CA ASP A 365 0.00 -6.41 10.67
C ASP A 365 0.60 -6.13 9.28
N GLU A 366 1.66 -6.86 8.94
CA GLU A 366 2.40 -6.60 7.69
C GLU A 366 1.68 -7.08 6.44
N GLU A 367 0.71 -7.97 6.62
CA GLU A 367 -0.14 -8.38 5.50
C GLU A 367 -1.14 -7.26 5.12
N ARG A 368 -1.44 -6.37 6.07
CA ARG A 368 -2.30 -5.22 5.80
C ARG A 368 -1.51 -3.97 5.39
N TRP A 369 -0.40 -3.72 6.09
CA TRP A 369 0.35 -2.48 5.96
C TRP A 369 1.71 -2.73 5.35
N ARG A 370 1.91 -2.14 4.16
CA ARG A 370 3.18 -2.24 3.44
C ARG A 370 4.25 -1.42 4.12
N ARG A 371 3.88 -0.24 4.60
CA ARG A 371 4.88 0.59 5.30
C ARG A 371 4.21 1.38 6.39
N VAL A 372 4.96 1.56 7.46
CA VAL A 372 4.49 2.28 8.64
C VAL A 372 5.64 3.20 9.07
N TYR A 373 5.33 4.50 9.16
CA TYR A 373 6.23 5.45 9.77
C TYR A 373 5.66 5.76 11.15
N PHE A 374 6.54 6.03 12.10
CA PHE A 374 6.12 6.27 13.49
C PHE A 374 7.05 7.28 14.14
N LYS A 375 6.50 8.16 14.97
CA LYS A 375 7.35 8.97 15.84
C LYS A 375 6.61 9.29 17.13
N ALA A 376 7.33 9.16 18.23
CA ALA A 376 6.84 9.53 19.55
C ALA A 376 7.52 10.82 20.00
N GLY A 377 6.89 11.49 20.96
CA GLY A 377 7.53 12.63 21.58
C GLY A 377 7.04 12.75 22.99
N SER A 378 7.94 13.07 23.89
CA SER A 378 7.54 13.28 25.29
C SER A 378 8.49 14.20 26.02
N SER A 379 7.92 14.93 26.98
CA SER A 379 8.62 15.84 27.86
CA SER A 379 8.64 15.80 27.85
C SER A 379 7.73 15.92 29.08
N PRO A 380 8.24 16.46 30.20
CA PRO A 380 7.28 16.61 31.29
C PRO A 380 6.03 17.41 30.86
N GLY A 381 4.87 16.82 31.07
CA GLY A 381 3.60 17.40 30.64
C GLY A 381 3.31 17.32 29.16
N VAL A 382 4.04 16.46 28.43
CA VAL A 382 3.89 16.37 26.97
C VAL A 382 3.96 14.92 26.54
N MET A 383 2.98 14.53 25.74
CA MET A 383 3.04 13.20 25.12
C MET A 383 2.43 13.24 23.74
N MET A 384 3.10 12.64 22.77
CA MET A 384 2.51 12.52 21.45
C MET A 384 2.95 11.26 20.73
N PHE A 385 2.07 10.74 19.90
CA PHE A 385 2.40 9.60 19.02
C PHE A 385 1.80 9.87 17.68
N CYS A 386 2.54 9.55 16.62
CA CYS A 386 1.98 9.66 15.29
C CYS A 386 2.44 8.51 14.42
N TRP A 387 1.57 8.12 13.49
CA TRP A 387 1.89 7.07 12.52
C TRP A 387 1.42 7.49 11.15
N LEU A 388 2.17 7.08 10.13
CA LEU A 388 1.64 7.03 8.78
C LEU A 388 1.59 5.55 8.40
N LEU A 389 0.44 5.09 7.94
CA LEU A 389 0.28 3.68 7.54
C LEU A 389 -0.17 3.64 6.10
N GLN A 390 0.55 2.87 5.28
CA GLN A 390 0.17 2.73 3.87
C GLN A 390 -0.07 1.26 3.57
N ASP A 391 -1.23 0.93 2.97
CA ASP A 391 -1.53 -0.48 2.69
C ASP A 391 -0.87 -0.92 1.37
N HIS A 392 -1.06 -2.20 1.02
CA HIS A 392 -0.38 -2.73 -0.16
C HIS A 392 -0.94 -2.22 -1.48
N ALA A 393 -2.10 -1.57 -1.44
CA ALA A 393 -2.66 -0.92 -2.61
C ALA A 393 -2.13 0.50 -2.79
N GLY A 394 -1.52 1.04 -1.75
CA GLY A 394 -0.97 2.38 -1.80
C GLY A 394 -1.81 3.45 -1.11
N ILE A 395 -2.80 3.03 -0.33
CA ILE A 395 -3.65 4.00 0.38
C ILE A 395 -2.99 4.29 1.74
N SER A 396 -2.79 5.58 2.01
CA SER A 396 -2.13 6.03 3.25
C SER A 396 -3.10 6.70 4.20
N TYR A 397 -2.85 6.44 5.49
CA TYR A 397 -3.56 7.07 6.59
C TYR A 397 -2.55 7.68 7.52
N VAL A 398 -2.91 8.82 8.13
CA VAL A 398 -2.06 9.41 9.18
C VAL A 398 -2.91 9.59 10.44
N LEU A 399 -2.33 9.18 11.57
CA LEU A 399 -2.95 9.30 12.90
C LEU A 399 -2.04 10.12 13.79
N VAL A 400 -2.58 11.19 14.39
CA VAL A 400 -1.82 12.05 15.28
C VAL A 400 -2.53 12.16 16.63
N LEU A 401 -1.86 11.73 17.70
CA LEU A 401 -2.39 11.79 19.07
C LEU A 401 -1.50 12.71 19.90
N ARG A 402 -2.10 13.65 20.62
CA ARG A 402 -1.31 14.61 21.41
C ARG A 402 -1.96 14.86 22.76
N GLN A 403 -1.13 14.98 23.80
CA GLN A 403 -1.60 15.39 25.15
C GLN A 403 -0.65 16.41 25.68
N SER A 404 -1.20 17.40 26.37
CA SER A 404 -0.36 18.33 27.16
C SER A 404 -1.03 18.63 28.49
N ALA A 405 -0.23 18.89 29.51
CA ALA A 405 -0.76 19.18 30.84
C ALA A 405 0.25 19.98 31.63
N ASP A 406 -0.23 20.62 32.71
CA ASP A 406 0.65 21.30 33.64
C ASP A 406 1.24 20.35 34.68
N GLU A 407 0.66 19.15 34.80
CA GLU A 407 1.11 18.15 35.74
C GLU A 407 1.40 16.86 35.02
N GLN A 408 2.66 16.43 35.09
CA GLN A 408 3.07 15.20 34.43
C GLN A 408 2.28 13.96 34.85
N ARG A 409 1.90 13.86 36.14
CA ARG A 409 1.15 12.70 36.59
C ARG A 409 -0.23 12.52 35.92
N LEU A 410 -0.76 13.56 35.26
CA LEU A 410 -2.02 13.41 34.55
C LEU A 410 -1.87 12.68 33.22
N ILE A 411 -0.63 12.58 32.78
CA ILE A 411 -0.32 11.96 31.48
C ILE A 411 0.33 10.59 31.66
N GLY A 412 1.30 10.50 32.57
CA GLY A 412 2.02 9.23 32.81
C GLY A 412 3.07 8.93 31.76
N ASP A 413 3.46 7.66 31.65
CA ASP A 413 4.64 7.32 30.85
C ASP A 413 4.38 7.18 29.35
N GLY A 414 3.13 7.31 28.95
CA GLY A 414 2.76 7.29 27.53
C GLY A 414 2.18 5.97 27.07
N LEU A 415 2.18 4.97 27.96
CA LEU A 415 1.55 3.71 27.56
C LEU A 415 0.06 3.89 27.25
N PHE A 416 -0.59 4.84 27.92
CA PHE A 416 -2.00 5.10 27.66
C PHE A 416 -2.21 5.62 26.23
N LEU A 417 -1.54 6.73 25.89
CA LEU A 417 -1.75 7.30 24.55
C LEU A 417 -1.27 6.35 23.45
N ARG A 418 -0.14 5.68 23.67
CA ARG A 418 0.34 4.69 22.67
C ARG A 418 -0.69 3.56 22.52
N GLY A 419 -1.21 3.11 23.65
CA GLY A 419 -2.20 2.03 23.64
C GLY A 419 -3.48 2.38 22.93
N ILE A 420 -3.91 3.64 23.06
CA ILE A 420 -5.05 4.15 22.30
C ILE A 420 -4.76 4.10 20.80
N GLY A 421 -3.56 4.54 20.41
CA GLY A 421 -3.14 4.35 19.01
C GLY A 421 -3.16 2.90 18.58
N ALA A 422 -2.66 2.00 19.43
CA ALA A 422 -2.66 0.57 19.09
C ALA A 422 -4.07 0.09 18.81
N LYS A 423 -5.01 0.50 19.67
CA LYS A 423 -6.39 0.03 19.53
C LYS A 423 -7.10 0.62 18.31
N ILE A 424 -6.75 1.87 17.97
CA ILE A 424 -7.27 2.47 16.75
C ILE A 424 -6.77 1.69 15.53
N ILE A 425 -5.48 1.37 15.53
CA ILE A 425 -4.90 0.64 14.40
C ILE A 425 -5.44 -0.80 14.34
N GLU A 426 -5.64 -1.43 15.49
CA GLU A 426 -6.27 -2.76 15.51
C GLU A 426 -7.69 -2.69 14.92
N ALA A 427 -8.40 -1.60 15.19
CA ALA A 427 -9.76 -1.39 14.69
C ALA A 427 -9.80 -0.57 13.40
N GLU A 428 -8.72 -0.65 12.62
CA GLU A 428 -8.64 0.15 11.42
C GLU A 428 -9.82 -0.04 10.46
N ALA A 429 -10.36 -1.26 10.39
CA ALA A 429 -11.46 -1.52 9.48
C ALA A 429 -12.71 -0.73 9.86
N LYS A 430 -12.84 -0.40 11.14
CA LYS A 430 -13.97 0.38 11.65
C LYS A 430 -13.67 1.88 11.61
N LEU A 431 -12.45 2.25 11.99
CA LEU A 431 -12.13 3.65 12.26
C LEU A 431 -11.38 4.38 11.13
N LEU A 432 -10.63 3.63 10.33
CA LEU A 432 -9.82 4.26 9.29
C LEU A 432 -10.34 3.93 7.89
N SER A 433 -10.52 2.65 7.61
CA SER A 433 -10.82 2.23 6.23
C SER A 433 -12.26 1.74 6.01
N SER A 434 -13.19 2.18 6.85
CA SER A 434 -14.59 1.76 6.69
C SER A 434 -15.22 2.29 5.41
N VAL B 8 -35.45 -1.48 -31.14
CA VAL B 8 -36.83 -1.63 -31.70
C VAL B 8 -37.21 -3.06 -32.13
N PRO B 9 -36.20 -3.95 -32.33
CA PRO B 9 -36.63 -5.35 -32.52
C PRO B 9 -37.33 -5.88 -31.27
N THR B 10 -38.45 -6.58 -31.49
CA THR B 10 -39.18 -7.23 -30.40
C THR B 10 -38.41 -8.49 -29.97
N PRO B 11 -38.76 -9.08 -28.82
CA PRO B 11 -38.12 -10.33 -28.38
C PRO B 11 -38.06 -11.42 -29.45
N ALA B 12 -39.15 -11.68 -30.15
CA ALA B 12 -39.16 -12.70 -31.21
C ALA B 12 -38.22 -12.32 -32.36
N GLU B 13 -38.26 -11.05 -32.76
CA GLU B 13 -37.41 -10.57 -33.85
C GLU B 13 -35.93 -10.64 -33.47
N ALA B 14 -35.60 -10.26 -32.23
CA ALA B 14 -34.22 -10.30 -31.71
C ALA B 14 -33.65 -11.72 -31.71
N ALA B 15 -34.44 -12.67 -31.21
CA ALA B 15 -34.02 -14.06 -31.18
C ALA B 15 -33.78 -14.57 -32.59
N LEU B 16 -34.69 -14.29 -33.51
CA LEU B 16 -34.51 -14.73 -34.90
C LEU B 16 -33.26 -14.10 -35.53
N ALA B 17 -33.01 -12.83 -35.26
CA ALA B 17 -31.82 -12.14 -35.78
C ALA B 17 -30.56 -12.83 -35.27
N ALA B 18 -30.54 -13.19 -33.98
CA ALA B 18 -29.39 -13.83 -33.36
C ALA B 18 -29.17 -15.21 -33.98
N GLN B 19 -30.25 -15.95 -34.18
CA GLN B 19 -30.16 -17.29 -34.79
C GLN B 19 -29.64 -17.18 -36.21
N THR B 20 -30.14 -16.19 -36.95
CA THR B 20 -29.73 -15.98 -38.33
C THR B 20 -28.24 -15.60 -38.41
N ALA B 21 -27.81 -14.72 -37.51
CA ALA B 21 -26.42 -14.27 -37.45
C ALA B 21 -25.49 -15.43 -37.12
N LEU B 22 -25.87 -16.24 -36.13
CA LEU B 22 -25.08 -17.41 -35.76
C LEU B 22 -24.89 -18.34 -36.96
N ALA B 23 -25.97 -18.60 -37.70
CA ALA B 23 -25.90 -19.51 -38.83
C ALA B 23 -25.01 -18.95 -39.95
N ALA B 24 -24.99 -17.63 -40.09
CA ALA B 24 -24.31 -16.97 -41.21
C ALA B 24 -22.85 -16.59 -40.93
N ASP B 25 -22.39 -16.74 -39.68
CA ASP B 25 -21.09 -16.20 -39.29
C ASP B 25 -19.97 -17.09 -39.80
N ASP B 26 -19.30 -16.64 -40.85
CA ASP B 26 -18.20 -17.39 -41.48
C ASP B 26 -16.90 -16.87 -40.92
N SER B 27 -16.55 -17.38 -39.74
CA SER B 27 -15.35 -16.97 -39.02
C SER B 27 -15.01 -18.12 -38.07
N PRO B 28 -13.81 -18.08 -37.47
CA PRO B 28 -13.46 -19.09 -36.47
C PRO B 28 -14.44 -19.12 -35.29
N MET B 29 -14.91 -17.95 -34.85
CA MET B 29 -15.88 -17.91 -33.75
C MET B 29 -17.22 -18.51 -34.20
N GLY B 30 -17.67 -18.17 -35.40
CA GLY B 30 -18.90 -18.76 -35.93
C GLY B 30 -18.84 -20.28 -35.97
N ASP B 31 -17.71 -20.79 -36.44
CA ASP B 31 -17.53 -22.24 -36.53
C ASP B 31 -17.55 -22.88 -35.14
N ALA B 32 -16.84 -22.29 -34.19
CA ALA B 32 -16.76 -22.85 -32.83
C ALA B 32 -18.10 -22.76 -32.12
N ALA B 33 -18.77 -21.62 -32.29
CA ALA B 33 -20.06 -21.44 -31.62
C ALA B 33 -21.09 -22.39 -32.20
N ARG B 34 -21.10 -22.59 -33.51
CA ARG B 34 -22.03 -23.55 -34.09
C ARG B 34 -21.72 -24.97 -33.63
N TRP B 35 -20.43 -25.29 -33.53
CA TRP B 35 -20.04 -26.60 -33.08
C TRP B 35 -20.47 -26.84 -31.64
N ALA B 36 -20.24 -25.85 -30.78
CA ALA B 36 -20.60 -25.97 -29.36
C ALA B 36 -22.13 -26.02 -29.19
N MET B 37 -22.84 -25.24 -30.00
CA MET B 37 -24.30 -25.34 -29.98
C MET B 37 -24.77 -26.73 -30.37
N GLY B 38 -24.10 -27.33 -31.36
CA GLY B 38 -24.42 -28.71 -31.76
C GLY B 38 -24.21 -29.70 -30.64
N LEU B 39 -23.19 -29.45 -29.82
CA LEU B 39 -22.85 -30.32 -28.71
C LEU B 39 -24.02 -30.29 -27.72
N LEU B 40 -24.61 -29.11 -27.55
CA LEU B 40 -25.68 -28.95 -26.57
C LEU B 40 -27.01 -29.49 -27.03
N THR B 41 -27.25 -29.41 -28.34
CA THR B 41 -28.58 -29.61 -28.88
C THR B 41 -28.80 -30.86 -29.73
N SER B 42 -27.71 -31.50 -30.19
CA SER B 42 -27.81 -32.69 -31.06
C SER B 42 -28.46 -33.84 -30.30
N SER B 43 -29.13 -34.74 -31.02
CA SER B 43 -29.70 -35.93 -30.39
C SER B 43 -28.64 -36.95 -29.95
N GLY B 44 -27.42 -36.83 -30.48
CA GLY B 44 -26.33 -37.69 -30.06
C GLY B 44 -25.17 -36.96 -29.39
N LEU B 45 -24.10 -37.70 -29.13
CA LEU B 45 -22.84 -37.12 -28.67
C LEU B 45 -21.78 -37.32 -29.76
N PRO B 46 -20.79 -36.42 -29.83
CA PRO B 46 -19.73 -36.59 -30.83
C PRO B 46 -18.76 -37.68 -30.38
N ARG B 47 -18.06 -38.26 -31.35
CA ARG B 47 -16.95 -39.15 -31.04
C ARG B 47 -15.82 -38.34 -30.36
N PRO B 48 -15.10 -38.97 -29.40
CA PRO B 48 -14.03 -38.33 -28.63
C PRO B 48 -12.91 -37.67 -29.47
N GLU B 49 -12.56 -38.25 -30.60
CA GLU B 49 -11.48 -37.70 -31.41
C GLU B 49 -11.90 -36.36 -32.03
N ASP B 50 -13.21 -36.24 -32.29
CA ASP B 50 -13.76 -35.05 -32.90
C ASP B 50 -13.87 -33.93 -31.87
N VAL B 51 -14.10 -34.30 -30.61
CA VAL B 51 -14.04 -33.34 -29.50
C VAL B 51 -12.61 -32.83 -29.34
N ALA B 52 -11.65 -33.75 -29.19
CA ALA B 52 -10.23 -33.38 -29.05
C ALA B 52 -9.75 -32.38 -30.12
N ALA B 53 -10.09 -32.64 -31.38
CA ALA B 53 -9.66 -31.83 -32.50
C ALA B 53 -10.18 -30.38 -32.45
N ARG B 54 -11.20 -30.12 -31.62
CA ARG B 54 -11.78 -28.79 -31.55
C ARG B 54 -11.18 -27.93 -30.46
N PHE B 55 -10.41 -28.55 -29.58
CA PHE B 55 -9.81 -27.87 -28.43
C PHE B 55 -8.29 -27.75 -28.54
N ILE B 56 -7.73 -26.83 -27.77
CA ILE B 56 -6.27 -26.69 -27.71
C ILE B 56 -5.63 -28.04 -27.34
N PRO B 57 -4.40 -28.30 -27.82
CA PRO B 57 -3.71 -29.57 -27.61
C PRO B 57 -3.55 -30.00 -26.15
N THR B 58 -3.46 -29.04 -25.24
CA THR B 58 -3.18 -29.34 -23.84
C THR B 58 -4.44 -29.47 -23.00
N ASN B 64 -13.52 -36.36 -18.03
CA ASN B 64 -14.15 -35.41 -17.11
C ASN B 64 -15.01 -34.41 -17.88
N PHE B 65 -14.59 -34.12 -19.12
CA PHE B 65 -15.35 -33.26 -20.02
C PHE B 65 -16.63 -33.95 -20.50
N ALA B 66 -16.57 -35.27 -20.59
CA ALA B 66 -17.71 -36.10 -20.97
C ALA B 66 -18.87 -35.92 -19.98
N GLU B 67 -18.54 -35.94 -18.69
CA GLU B 67 -19.51 -35.70 -17.61
C GLU B 67 -20.08 -34.29 -17.72
N THR B 68 -19.20 -33.30 -17.89
CA THR B 68 -19.59 -31.91 -18.07
C THR B 68 -20.62 -31.75 -19.20
N VAL B 69 -20.34 -32.32 -20.36
CA VAL B 69 -21.24 -32.19 -21.51
C VAL B 69 -22.62 -32.85 -21.23
N ARG B 70 -22.61 -34.00 -20.58
CA ARG B 70 -23.85 -34.66 -20.18
C ARG B 70 -24.67 -33.74 -19.27
N GLU B 71 -24.00 -33.15 -18.28
CA GLU B 71 -24.63 -32.18 -17.37
C GLU B 71 -25.21 -30.99 -18.13
N TRP B 72 -24.41 -30.38 -19.01
CA TRP B 72 -24.93 -29.27 -19.81
C TRP B 72 -26.17 -29.66 -20.60
N ARG B 73 -26.09 -30.79 -21.30
CA ARG B 73 -27.19 -31.23 -22.12
C ARG B 73 -28.45 -31.47 -21.30
N SER B 74 -28.30 -31.85 -20.04
CA SER B 74 -29.44 -32.22 -19.18
C SER B 74 -30.26 -30.97 -18.83
N LYS B 75 -29.68 -29.79 -19.02
CA LYS B 75 -30.31 -28.53 -18.72
C LYS B 75 -31.18 -27.96 -19.84
N GLY B 76 -31.07 -28.55 -21.04
CA GLY B 76 -31.83 -28.10 -22.19
C GLY B 76 -33.26 -28.66 -22.22
N PRO B 77 -33.93 -28.57 -23.38
CA PRO B 77 -33.47 -28.02 -24.65
C PRO B 77 -33.20 -26.52 -24.58
N PHE B 78 -32.37 -26.04 -25.49
CA PHE B 78 -31.93 -24.67 -25.53
C PHE B 78 -32.38 -23.96 -26.80
N THR B 79 -32.75 -22.67 -26.66
CA THR B 79 -33.02 -21.76 -27.77
C THR B 79 -32.06 -20.57 -27.72
N VAL B 80 -31.44 -20.27 -28.86
CA VAL B 80 -30.55 -19.12 -28.95
C VAL B 80 -31.34 -17.83 -28.91
N ARG B 81 -31.01 -16.97 -27.95
CA ARG B 81 -31.67 -15.66 -27.77
C ARG B 81 -30.80 -14.48 -28.17
N ALA B 82 -29.47 -14.64 -28.06
CA ALA B 82 -28.52 -13.57 -28.42
C ALA B 82 -27.18 -14.20 -28.80
N TYR B 83 -26.50 -13.55 -29.73
CA TYR B 83 -25.17 -14.03 -30.17
C TYR B 83 -24.23 -12.83 -30.29
N HIS B 84 -23.11 -12.89 -29.54
CA HIS B 84 -22.19 -11.78 -29.41
C HIS B 84 -20.74 -12.25 -29.66
N PRO B 85 -20.37 -12.36 -30.94
CA PRO B 85 -18.98 -12.70 -31.24
C PRO B 85 -18.10 -11.46 -31.27
N VAL B 86 -16.92 -11.53 -30.64
CA VAL B 86 -15.95 -10.45 -30.71
C VAL B 86 -14.55 -11.04 -30.86
N ALA B 87 -14.06 -11.14 -32.09
CA ALA B 87 -12.72 -11.68 -32.34
C ALA B 87 -12.61 -13.12 -31.76
N HIS B 88 -11.68 -13.33 -30.82
CA HIS B 88 -11.41 -14.67 -30.24
C HIS B 88 -12.32 -15.03 -29.07
N LYS B 89 -13.23 -14.12 -28.71
CA LYS B 89 -14.20 -14.39 -27.65
C LYS B 89 -15.62 -14.30 -28.17
N GLY B 90 -16.52 -15.04 -27.56
CA GLY B 90 -17.90 -14.94 -27.96
C GLY B 90 -18.81 -15.45 -26.87
N TRP B 91 -20.05 -14.97 -26.91
CA TRP B 91 -21.06 -15.33 -25.92
C TRP B 91 -22.38 -15.58 -26.64
N VAL B 92 -23.06 -16.63 -26.20
CA VAL B 92 -24.38 -16.99 -26.71
C VAL B 92 -25.32 -17.03 -25.53
N VAL B 93 -26.39 -16.24 -25.59
CA VAL B 93 -27.42 -16.30 -24.53
C VAL B 93 -28.47 -17.34 -24.95
N LEU B 94 -28.73 -18.29 -24.06
CA LEU B 94 -29.65 -19.40 -24.32
C LEU B 94 -30.81 -19.39 -23.32
N SER B 95 -32.00 -19.66 -23.83
CA SER B 95 -33.09 -19.96 -22.89
C SER B 95 -33.30 -21.46 -22.86
N ALA B 96 -33.65 -21.95 -21.68
CA ALA B 96 -33.91 -23.36 -21.42
C ALA B 96 -35.38 -23.46 -20.93
N PRO B 97 -35.84 -24.66 -20.57
CA PRO B 97 -37.22 -24.77 -20.09
C PRO B 97 -37.53 -23.82 -18.93
N ALA B 98 -38.81 -23.44 -18.84
CA ALA B 98 -39.32 -22.64 -17.73
C ALA B 98 -38.65 -21.28 -17.63
N GLY B 99 -38.14 -20.78 -18.76
CA GLY B 99 -37.57 -19.44 -18.85
C GLY B 99 -36.24 -19.23 -18.17
N VAL B 100 -35.55 -20.31 -17.83
CA VAL B 100 -34.22 -20.21 -17.20
C VAL B 100 -33.23 -19.90 -18.32
N ARG B 101 -32.31 -18.99 -18.07
CA ARG B 101 -31.35 -18.59 -19.11
C ARG B 101 -29.92 -18.82 -18.67
N TYR B 102 -29.09 -19.12 -19.67
CA TYR B 102 -27.67 -19.44 -19.50
C TYR B 102 -26.87 -18.66 -20.53
N ILE B 103 -25.58 -18.52 -20.26
CA ILE B 103 -24.68 -17.98 -21.27
C ILE B 103 -23.61 -19.03 -21.54
N LEU B 104 -23.46 -19.30 -22.84
CA LEU B 104 -22.32 -20.10 -23.34
C LEU B 104 -21.19 -19.15 -23.75
N SER B 105 -20.03 -19.32 -23.11
CA SER B 105 -18.86 -18.47 -23.37
C SER B 105 -17.76 -19.29 -24.04
N LEU B 106 -17.19 -18.69 -25.07
CA LEU B 106 -16.11 -19.30 -25.86
C LEU B 106 -14.90 -18.37 -25.88
N THR B 107 -13.73 -18.95 -25.68
CA THR B 107 -12.46 -18.24 -25.92
C THR B 107 -11.61 -19.14 -26.79
N LEU B 108 -11.13 -18.60 -27.91
CA LEU B 108 -10.33 -19.38 -28.88
C LEU B 108 -8.86 -19.00 -28.86
N ASP B 109 -8.06 -19.94 -29.35
CA ASP B 109 -6.64 -19.69 -29.58
C ASP B 109 -6.46 -19.14 -31.01
N SER B 110 -5.19 -18.93 -31.41
CA SER B 110 -4.90 -18.20 -32.64
C SER B 110 -5.23 -18.93 -33.95
N SER B 111 -5.49 -20.23 -33.88
CA SER B 111 -5.92 -20.97 -35.07
C SER B 111 -7.35 -21.46 -34.92
N GLY B 112 -8.07 -20.93 -33.93
CA GLY B 112 -9.51 -21.21 -33.81
C GLY B 112 -9.88 -22.39 -32.95
N LEU B 113 -8.91 -22.99 -32.27
CA LEU B 113 -9.17 -24.06 -31.31
C LEU B 113 -9.74 -23.46 -30.04
N ILE B 114 -10.62 -24.21 -29.40
CA ILE B 114 -11.26 -23.71 -28.19
C ILE B 114 -10.32 -23.86 -26.99
N ARG B 115 -10.09 -22.75 -26.29
CA ARG B 115 -9.33 -22.74 -25.04
C ARG B 115 -10.26 -22.82 -23.82
N ILE B 116 -11.34 -22.05 -23.85
CA ILE B 116 -12.30 -22.04 -22.73
C ILE B 116 -13.70 -22.18 -23.31
N LEU B 117 -14.46 -23.07 -22.68
CA LEU B 117 -15.88 -23.24 -23.03
C LEU B 117 -16.66 -23.45 -21.74
N THR B 118 -17.55 -22.50 -21.42
CA THR B 118 -18.36 -22.67 -20.22
C THR B 118 -19.83 -22.39 -20.51
N LEU B 119 -20.68 -23.04 -19.71
CA LEU B 119 -22.14 -22.78 -19.73
C LEU B 119 -22.53 -22.44 -18.30
N LYS B 120 -22.98 -21.21 -18.10
CA LYS B 120 -23.22 -20.68 -16.76
C LYS B 120 -24.57 -19.98 -16.67
N PRO B 121 -25.11 -19.86 -15.44
CA PRO B 121 -26.33 -19.04 -15.31
C PRO B 121 -26.13 -17.66 -15.92
N GLU B 122 -27.15 -17.10 -16.55
CA GLU B 122 -26.93 -15.85 -17.26
C GLU B 122 -26.62 -14.69 -16.32
N THR B 123 -25.83 -13.76 -16.84
CA THR B 123 -25.54 -12.53 -16.17
C THR B 123 -26.59 -11.53 -16.61
N VAL B 124 -27.30 -10.95 -15.64
CA VAL B 124 -28.39 -10.03 -15.91
C VAL B 124 -27.97 -8.58 -15.72
N ILE B 125 -28.04 -7.81 -16.80
CA ILE B 125 -27.68 -6.40 -16.76
C ILE B 125 -28.79 -5.59 -17.44
N PRO B 126 -29.47 -4.72 -16.68
CA PRO B 126 -30.56 -3.92 -17.28
C PRO B 126 -30.02 -2.83 -18.20
N ASP B 127 -30.89 -2.27 -19.03
CA ASP B 127 -30.57 -1.07 -19.77
C ASP B 127 -30.42 0.09 -18.78
N MET B 128 -29.39 0.90 -18.99
CA MET B 128 -29.05 1.94 -18.04
C MET B 128 -29.64 3.27 -18.47
N VAL B 129 -30.30 3.93 -17.52
CA VAL B 129 -30.88 5.24 -17.78
C VAL B 129 -30.04 6.32 -17.08
N THR B 130 -29.66 6.05 -15.84
CA THR B 130 -28.90 6.99 -15.01
C THR B 130 -27.59 6.34 -14.52
N TRP B 131 -26.62 7.17 -14.12
CA TRP B 131 -25.44 6.63 -13.46
C TRP B 131 -25.79 5.91 -12.16
N ASN B 132 -26.88 6.30 -11.50
CA ASN B 132 -27.29 5.58 -10.28
C ASN B 132 -27.75 4.13 -10.57
N ASP B 133 -28.31 3.93 -11.77
CA ASP B 133 -28.62 2.57 -12.25
C ASP B 133 -27.36 1.74 -12.33
N VAL B 134 -26.30 2.35 -12.85
CA VAL B 134 -24.99 1.67 -12.94
C VAL B 134 -24.50 1.27 -11.56
N GLU B 135 -24.50 2.24 -10.64
CA GLU B 135 -23.99 2.02 -9.30
C GLU B 135 -24.79 0.97 -8.52
N GLU B 136 -26.12 1.04 -8.60
CA GLU B 136 -26.95 0.13 -7.81
C GLU B 136 -27.01 -1.27 -8.41
N THR B 137 -26.77 -1.37 -9.73
CA THR B 137 -26.61 -2.68 -10.38
C THR B 137 -25.31 -3.34 -9.94
N LEU B 138 -24.23 -2.55 -10.00
CA LEU B 138 -22.89 -3.04 -9.77
C LEU B 138 -22.59 -3.40 -8.31
N HIS B 139 -23.12 -2.60 -7.37
CA HIS B 139 -22.81 -2.82 -5.97
C HIS B 139 -23.06 -4.25 -5.48
N THR B 140 -22.01 -4.86 -4.95
CA THR B 140 -22.08 -6.19 -4.36
C THR B 140 -21.42 -6.13 -2.99
N PRO B 141 -22.16 -6.51 -1.92
CA PRO B 141 -21.52 -6.50 -0.60
C PRO B 141 -20.24 -7.34 -0.61
N GLY B 142 -19.17 -6.79 -0.03
CA GLY B 142 -17.89 -7.49 0.02
C GLY B 142 -16.99 -7.18 -1.16
N VAL B 143 -17.51 -6.41 -2.12
CA VAL B 143 -16.74 -6.03 -3.33
C VAL B 143 -16.52 -4.51 -3.36
N GLN B 144 -15.26 -4.11 -3.47
CA GLN B 144 -14.97 -2.72 -3.69
C GLN B 144 -15.06 -2.48 -5.17
N HIS B 145 -15.76 -1.44 -5.57
CA HIS B 145 -15.86 -1.11 -6.99
C HIS B 145 -15.61 0.35 -7.26
N SER B 146 -15.33 0.64 -8.52
CA SER B 146 -15.09 1.99 -8.95
C SER B 146 -15.52 2.16 -10.39
N VAL B 147 -16.21 3.27 -10.67
CA VAL B 147 -16.63 3.64 -12.00
C VAL B 147 -16.13 5.05 -12.27
N TYR B 148 -15.42 5.26 -13.36
CA TYR B 148 -14.96 6.60 -13.71
C TYR B 148 -15.18 6.84 -15.17
N ALA B 149 -15.87 7.92 -15.50
CA ALA B 149 -16.14 8.28 -16.88
C ALA B 149 -15.82 9.75 -17.08
N VAL B 150 -15.04 10.02 -18.12
CA VAL B 150 -14.57 11.37 -18.44
C VAL B 150 -14.69 11.69 -19.91
N ARG B 151 -14.92 12.97 -20.20
CA ARG B 151 -14.89 13.48 -21.56
C ARG B 151 -13.60 14.26 -21.74
N LEU B 152 -12.86 13.93 -22.80
CA LEU B 152 -11.53 14.50 -23.02
C LEU B 152 -11.60 15.58 -24.09
N THR B 153 -11.10 16.77 -23.76
CA THR B 153 -10.95 17.84 -24.74
C THR B 153 -9.57 18.47 -24.58
N PRO B 154 -9.12 19.28 -25.57
CA PRO B 154 -7.87 20.03 -25.39
C PRO B 154 -7.86 20.78 -24.05
N ASP B 155 -9.00 21.35 -23.69
CA ASP B 155 -9.18 22.11 -22.44
C ASP B 155 -8.77 21.29 -21.21
N GLY B 156 -9.17 20.02 -21.18
CA GLY B 156 -8.92 19.15 -20.03
C GLY B 156 -9.89 17.98 -19.96
N HIS B 157 -10.14 17.51 -18.74
CA HIS B 157 -10.98 16.36 -18.45
C HIS B 157 -12.26 16.81 -17.76
N GLU B 158 -13.41 16.46 -18.35
CA GLU B 158 -14.69 16.70 -17.70
C GLU B 158 -15.23 15.42 -17.08
N VAL B 159 -15.42 15.41 -15.77
CA VAL B 159 -15.90 14.22 -15.08
C VAL B 159 -17.40 14.06 -15.29
N LEU B 160 -17.77 12.91 -15.88
CA LEU B 160 -19.18 12.58 -16.13
C LEU B 160 -19.79 11.77 -14.99
N HIS B 161 -19.00 10.86 -14.43
CA HIS B 161 -19.37 10.12 -13.25
C HIS B 161 -18.10 9.64 -12.54
N ALA B 162 -18.14 9.62 -11.20
CA ALA B 162 -17.03 9.12 -10.43
C ALA B 162 -17.47 8.44 -9.16
N SER B 163 -17.11 7.16 -9.02
CA SER B 163 -17.14 6.49 -7.72
C SER B 163 -15.74 5.98 -7.43
N ALA B 164 -15.15 6.48 -6.35
CA ALA B 164 -13.82 6.08 -5.91
C ALA B 164 -12.69 6.08 -6.96
N PRO B 165 -12.65 7.06 -7.89
CA PRO B 165 -11.56 7.03 -8.89
C PRO B 165 -10.20 7.22 -8.23
N GLU B 166 -10.16 7.87 -7.08
CA GLU B 166 -8.88 8.16 -6.43
C GLU B 166 -8.32 6.96 -5.67
N ARG B 167 -9.11 5.90 -5.54
CA ARG B 167 -8.70 4.72 -4.81
C ARG B 167 -7.85 3.85 -5.73
N PRO B 168 -6.59 3.60 -5.34
CA PRO B 168 -5.78 2.68 -6.16
C PRO B 168 -6.32 1.28 -5.96
N MET B 169 -6.44 0.53 -7.06
CA MET B 169 -6.96 -0.83 -6.99
C MET B 169 -6.12 -1.70 -7.91
N PRO B 170 -6.15 -3.02 -7.68
CA PRO B 170 -5.41 -3.92 -8.57
C PRO B 170 -6.05 -3.92 -9.95
N THR B 171 -5.22 -4.04 -10.99
CA THR B 171 -5.77 -3.95 -12.34
C THR B 171 -5.35 -5.09 -13.27
N GLY B 172 -4.65 -6.09 -12.75
CA GLY B 172 -4.20 -7.21 -13.60
C GLY B 172 -3.48 -6.68 -14.83
N SER B 173 -3.85 -7.20 -15.99
CA SER B 173 -3.21 -6.88 -17.27
C SER B 173 -3.35 -5.46 -17.80
N ALA B 174 -4.10 -4.60 -17.11
CA ALA B 174 -4.00 -3.18 -17.41
C ALA B 174 -2.55 -2.69 -17.43
N TYR B 175 -1.68 -3.32 -16.62
CA TYR B 175 -0.26 -2.96 -16.56
C TYR B 175 0.38 -3.02 -17.93
N LYS B 176 -0.15 -3.88 -18.81
CA LYS B 176 0.38 -3.99 -20.17
C LYS B 176 0.30 -2.70 -20.96
N LEU B 177 -0.61 -1.78 -20.58
CA LEU B 177 -0.68 -0.49 -21.24
C LEU B 177 0.59 0.31 -20.93
N TYR B 178 1.13 0.17 -19.71
CA TYR B 178 2.42 0.81 -19.38
C TYR B 178 3.56 0.17 -20.16
N LEU B 179 3.53 -1.15 -20.33
CA LEU B 179 4.56 -1.82 -21.09
C LEU B 179 4.50 -1.30 -22.53
N MET B 180 3.30 -1.08 -23.04
CA MET B 180 3.15 -0.58 -24.40
C MET B 180 3.73 0.85 -24.52
N ARG B 181 3.46 1.71 -23.55
CA ARG B 181 3.99 3.09 -23.63
C ARG B 181 5.52 3.07 -23.54
N ALA B 182 6.05 2.19 -22.69
CA ALA B 182 7.51 2.04 -22.53
C ALA B 182 8.13 1.56 -23.83
N LEU B 183 7.48 0.59 -24.47
CA LEU B 183 7.95 0.06 -25.74
C LEU B 183 7.96 1.12 -26.84
N VAL B 184 6.89 1.89 -26.95
CA VAL B 184 6.82 2.98 -27.94
C VAL B 184 7.93 4.01 -27.67
N ALA B 185 8.15 4.35 -26.41
CA ALA B 185 9.19 5.32 -26.05
C ALA B 185 10.56 4.87 -26.52
N GLU B 186 10.84 3.56 -26.38
CA GLU B 186 12.13 3.00 -26.77
C GLU B 186 12.27 2.87 -28.30
N ILE B 187 11.14 2.62 -28.98
CA ILE B 187 11.12 2.61 -30.44
C ILE B 187 11.44 4.00 -30.98
N GLU B 188 10.83 5.02 -30.37
CA GLU B 188 11.08 6.42 -30.74
C GLU B 188 12.55 6.83 -30.52
N LYS B 189 13.18 6.27 -29.49
CA LYS B 189 14.59 6.53 -29.19
C LYS B 189 15.56 5.69 -30.03
N GLY B 190 15.02 4.69 -30.73
CA GLY B 190 15.81 3.83 -31.61
C GLY B 190 16.60 2.73 -30.92
N THR B 191 16.23 2.40 -29.68
CA THR B 191 16.95 1.37 -28.92
C THR B 191 16.36 -0.01 -29.21
N VAL B 192 15.17 -0.02 -29.79
CA VAL B 192 14.48 -1.26 -30.20
C VAL B 192 13.75 -0.98 -31.51
N GLY B 193 13.54 -2.02 -32.33
CA GLY B 193 12.79 -1.89 -33.56
C GLY B 193 11.60 -2.82 -33.62
N TRP B 194 10.60 -2.45 -34.42
CA TRP B 194 9.39 -3.27 -34.58
C TRP B 194 9.67 -4.64 -35.18
N ASP B 195 10.66 -4.71 -36.07
CA ASP B 195 10.98 -5.96 -36.75
C ASP B 195 12.10 -6.74 -36.07
N GLU B 196 12.58 -6.22 -34.94
CA GLU B 196 13.57 -6.94 -34.13
C GLU B 196 13.02 -8.28 -33.64
N ILE B 197 13.88 -9.28 -33.53
CA ILE B 197 13.46 -10.62 -33.15
C ILE B 197 13.64 -10.91 -31.67
N LEU B 198 12.57 -11.44 -31.06
CA LEU B 198 12.56 -11.92 -29.69
C LEU B 198 12.48 -13.43 -29.74
N THR B 199 13.04 -14.10 -28.74
CA THR B 199 13.13 -15.56 -28.73
C THR B 199 12.49 -16.13 -27.46
N LEU B 200 11.49 -16.98 -27.63
CA LEU B 200 10.86 -17.63 -26.48
C LEU B 200 11.76 -18.71 -25.92
N THR B 201 12.08 -18.60 -24.64
CA THR B 201 12.84 -19.62 -23.93
C THR B 201 11.94 -20.22 -22.85
N PRO B 202 12.29 -21.40 -22.32
CA PRO B 202 11.53 -21.98 -21.22
C PRO B 202 11.33 -21.02 -20.04
N GLU B 203 12.33 -20.19 -19.76
CA GLU B 203 12.26 -19.25 -18.65
C GLU B 203 11.32 -18.09 -18.91
N LEU B 204 11.07 -17.78 -20.18
CA LEU B 204 10.23 -16.62 -20.54
C LEU B 204 8.76 -17.01 -20.70
N ARG B 205 8.46 -18.30 -20.69
CA ARG B 205 7.08 -18.75 -20.87
C ARG B 205 6.24 -18.43 -19.61
N SER B 206 5.06 -17.84 -19.82
CA SER B 206 4.14 -17.54 -18.73
C SER B 206 2.86 -18.39 -18.91
N LEU B 207 1.85 -18.12 -18.08
CA LEU B 207 0.55 -18.82 -18.22
C LEU B 207 -0.40 -18.04 -19.14
N PRO B 208 -1.48 -18.67 -19.59
CA PRO B 208 -2.55 -17.89 -20.23
C PRO B 208 -3.08 -16.87 -19.20
N THR B 209 -3.75 -15.80 -19.63
CA THR B 209 -4.23 -15.50 -20.96
C THR B 209 -3.12 -15.36 -22.00
N GLY B 210 -3.45 -15.67 -23.24
CA GLY B 210 -2.50 -15.57 -24.31
C GLY B 210 -2.40 -16.88 -25.06
N ASP B 211 -1.69 -16.81 -26.18
CA ASP B 211 -1.40 -17.98 -27.01
C ASP B 211 0.10 -18.24 -27.16
N MET B 212 0.95 -17.25 -26.88
CA MET B 212 2.38 -17.42 -27.20
C MET B 212 3.04 -18.50 -26.37
N GLN B 213 2.47 -18.81 -25.20
CA GLN B 213 3.04 -19.88 -24.37
C GLN B 213 3.02 -21.23 -25.07
N ASP B 214 2.13 -21.36 -26.05
CA ASP B 214 1.97 -22.64 -26.76
C ASP B 214 2.98 -22.81 -27.90
N LEU B 215 3.81 -21.81 -28.13
CA LEU B 215 4.87 -21.91 -29.15
C LEU B 215 6.01 -22.73 -28.60
N PRO B 216 6.76 -23.45 -29.47
CA PRO B 216 7.90 -24.20 -28.97
C PRO B 216 9.04 -23.34 -28.44
N ASP B 217 9.86 -23.94 -27.58
CA ASP B 217 11.09 -23.29 -27.15
C ASP B 217 11.90 -22.86 -28.37
N GLY B 218 12.48 -21.67 -28.29
CA GLY B 218 13.33 -21.16 -29.35
C GLY B 218 12.59 -20.42 -30.44
N THR B 219 11.26 -20.35 -30.35
CA THR B 219 10.50 -19.67 -31.38
C THR B 219 10.87 -18.19 -31.47
N ARG B 220 11.15 -17.76 -32.70
CA ARG B 220 11.53 -16.40 -32.98
C ARG B 220 10.34 -15.61 -33.50
N VAL B 221 10.09 -14.46 -32.88
CA VAL B 221 8.91 -13.65 -33.17
C VAL B 221 9.30 -12.17 -33.17
N THR B 222 8.69 -11.36 -34.03
CA THR B 222 9.01 -9.92 -34.04
C THR B 222 8.45 -9.20 -32.82
N VAL B 223 9.06 -8.07 -32.49
CA VAL B 223 8.56 -7.19 -31.44
C VAL B 223 7.13 -6.77 -31.77
N ARG B 224 6.87 -6.44 -33.03
CA ARG B 224 5.53 -6.04 -33.44
C ARG B 224 4.49 -7.12 -33.17
N GLU B 225 4.75 -8.37 -33.58
CA GLU B 225 3.76 -9.44 -33.41
C GLU B 225 3.56 -9.74 -31.92
N THR B 226 4.64 -9.64 -31.16
CA THR B 226 4.60 -9.90 -29.73
C THR B 226 3.79 -8.83 -29.02
N ALA B 227 4.03 -7.56 -29.36
CA ALA B 227 3.26 -6.46 -28.76
C ALA B 227 1.79 -6.56 -29.15
N HIS B 228 1.54 -6.97 -30.40
CA HIS B 228 0.18 -7.13 -30.87
C HIS B 228 -0.57 -8.13 -29.97
N LYS B 229 0.03 -9.28 -29.73
CA LYS B 229 -0.61 -10.30 -28.89
C LYS B 229 -0.68 -9.85 -27.41
N MET B 230 0.38 -9.19 -26.93
CA MET B 230 0.37 -8.62 -25.58
C MET B 230 -0.90 -7.82 -25.30
N ILE B 231 -1.28 -6.97 -26.23
CA ILE B 231 -2.49 -6.16 -26.08
C ILE B 231 -3.76 -6.90 -26.50
N ALA B 232 -3.83 -7.29 -27.78
CA ALA B 232 -5.05 -7.86 -28.34
C ALA B 232 -5.52 -9.15 -27.69
N LEU B 233 -4.58 -10.00 -27.27
CA LEU B 233 -4.92 -11.24 -26.60
C LEU B 233 -4.63 -11.21 -25.10
N SER B 234 -4.21 -10.03 -24.60
CA SER B 234 -3.68 -9.95 -23.25
C SER B 234 -2.67 -11.06 -22.99
N ASP B 235 -1.76 -11.24 -23.94
CA ASP B 235 -0.83 -12.36 -23.88
C ASP B 235 0.24 -12.14 -22.82
N ASN B 236 0.22 -12.98 -21.78
CA ASN B 236 1.15 -12.84 -20.66
C ASN B 236 2.57 -13.15 -21.08
N THR B 237 2.73 -14.17 -21.91
CA THR B 237 4.06 -14.52 -22.42
C THR B 237 4.60 -13.39 -23.31
N GLY B 238 3.73 -12.84 -24.16
CA GLY B 238 4.11 -11.70 -24.99
C GLY B 238 4.55 -10.52 -24.13
N ALA B 239 3.80 -10.24 -23.07
CA ALA B 239 4.16 -9.17 -22.18
C ALA B 239 5.53 -9.43 -21.56
N ASP B 240 5.76 -10.64 -21.10
CA ASP B 240 7.03 -10.96 -20.46
C ASP B 240 8.19 -10.88 -21.46
N LEU B 241 7.97 -11.26 -22.71
CA LEU B 241 9.02 -11.11 -23.73
C LEU B 241 9.39 -9.65 -23.92
N VAL B 242 8.37 -8.79 -23.99
CA VAL B 242 8.60 -7.34 -24.15
C VAL B 242 9.30 -6.77 -22.91
N ALA B 243 8.81 -7.14 -21.72
CA ALA B 243 9.42 -6.63 -20.50
C ALA B 243 10.88 -7.04 -20.36
N ASP B 244 11.20 -8.26 -20.78
CA ASP B 244 12.58 -8.75 -20.73
C ASP B 244 13.45 -7.99 -21.72
N ARG B 245 12.91 -7.71 -22.91
CA ARG B 245 13.67 -6.98 -23.92
C ARG B 245 13.94 -5.54 -23.48
N LEU B 246 12.95 -4.87 -22.92
CA LEU B 246 13.13 -3.47 -22.51
C LEU B 246 14.03 -3.37 -21.28
N GLY B 247 13.88 -4.32 -20.35
CA GLY B 247 14.56 -4.29 -19.07
C GLY B 247 13.67 -3.70 -17.99
N ARG B 248 13.70 -4.31 -16.81
CA ARG B 248 12.82 -3.91 -15.73
C ARG B 248 12.98 -2.44 -15.34
N GLU B 249 14.22 -2.00 -15.23
CA GLU B 249 14.49 -0.64 -14.74
C GLU B 249 14.04 0.41 -15.76
N VAL B 250 14.18 0.09 -17.03
CA VAL B 250 13.65 0.92 -18.10
C VAL B 250 12.13 1.10 -17.97
N VAL B 251 11.42 -0.01 -17.74
CA VAL B 251 9.97 0.07 -17.53
C VAL B 251 9.66 0.91 -16.29
N GLU B 252 10.36 0.66 -15.20
CA GLU B 252 10.13 1.42 -13.98
C GLU B 252 10.31 2.91 -14.16
N ARG B 253 11.38 3.29 -14.85
CA ARG B 253 11.70 4.70 -15.05
C ARG B 253 10.71 5.37 -15.99
N SER B 254 10.00 4.57 -16.79
CA SER B 254 9.04 5.10 -17.76
C SER B 254 7.68 5.51 -17.15
N LEU B 255 7.40 5.04 -15.94
CA LEU B 255 6.05 5.16 -15.36
C LEU B 255 5.67 6.60 -15.04
N ALA B 256 6.65 7.40 -14.63
CA ALA B 256 6.38 8.81 -14.36
C ALA B 256 5.87 9.53 -15.60
N ALA B 257 6.56 9.34 -16.73
CA ALA B 257 6.16 9.98 -17.99
C ALA B 257 4.83 9.46 -18.48
N ALA B 258 4.54 8.20 -18.17
CA ALA B 258 3.30 7.56 -18.59
C ALA B 258 2.11 7.99 -17.73
N GLY B 259 2.37 8.62 -16.59
CA GLY B 259 1.31 9.22 -15.79
C GLY B 259 0.99 8.55 -14.46
N HIS B 260 1.76 7.53 -14.06
CA HIS B 260 1.40 6.81 -12.83
C HIS B 260 1.56 7.70 -11.59
N HIS B 261 0.56 7.69 -10.72
CA HIS B 261 0.51 8.59 -9.55
C HIS B 261 1.65 8.43 -8.55
N ASP B 262 2.21 7.22 -8.48
CA ASP B 262 3.34 6.96 -7.58
C ASP B 262 4.18 5.77 -8.07
N PRO B 263 5.11 6.04 -9.02
CA PRO B 263 5.98 5.01 -9.56
C PRO B 263 6.84 4.26 -8.54
N SER B 264 7.13 4.88 -7.39
CA SER B 264 7.94 4.20 -6.38
C SER B 264 7.21 2.96 -5.82
N LEU B 265 5.89 2.96 -5.94
CA LEU B 265 5.10 1.83 -5.44
C LEU B 265 5.11 0.66 -6.43
N MET B 266 5.62 0.94 -7.63
CA MET B 266 5.58 -0.02 -8.74
C MET B 266 6.95 -0.60 -9.01
N ARG B 267 7.87 -0.46 -8.07
CA ARG B 267 9.19 -1.07 -8.21
C ARG B 267 9.46 -2.04 -7.06
N PRO B 268 10.00 -3.23 -7.39
CA PRO B 268 10.27 -3.70 -8.75
C PRO B 268 8.99 -3.95 -9.57
N PHE B 269 9.06 -3.65 -10.87
CA PHE B 269 7.88 -3.80 -11.76
C PHE B 269 7.74 -5.25 -12.17
N LEU B 270 6.70 -5.91 -11.67
CA LEU B 270 6.54 -7.36 -11.81
C LEU B 270 6.16 -7.78 -13.22
N THR B 271 6.69 -8.94 -13.62
CA THR B 271 6.18 -9.62 -14.80
C THR B 271 4.98 -10.48 -14.44
N SER B 272 4.26 -10.97 -15.45
CA SER B 272 3.14 -11.89 -15.18
C SER B 272 3.67 -13.19 -14.56
N HIS B 273 4.75 -13.72 -15.11
CA HIS B 273 5.40 -14.91 -14.59
C HIS B 273 5.69 -14.72 -13.09
N GLU B 274 6.24 -13.56 -12.72
CA GLU B 274 6.53 -13.28 -11.30
C GLU B 274 5.28 -13.19 -10.42
N VAL B 275 4.23 -12.54 -10.92
CA VAL B 275 2.96 -12.51 -10.16
C VAL B 275 2.42 -13.93 -9.96
N PHE B 276 2.43 -14.75 -11.01
CA PHE B 276 1.96 -16.12 -10.83
C PHE B 276 2.81 -16.91 -9.84
N GLU B 277 4.13 -16.85 -10.00
CA GLU B 277 5.02 -17.64 -9.17
C GLU B 277 5.00 -17.18 -7.72
N LEU B 278 5.04 -15.87 -7.49
CA LEU B 278 4.95 -15.29 -6.14
C LEU B 278 3.58 -15.58 -5.54
N GLY B 279 2.54 -15.30 -6.31
CA GLY B 279 1.16 -15.40 -5.82
C GLY B 279 0.76 -16.77 -5.35
N TRP B 280 1.15 -17.80 -6.10
CA TRP B 280 0.62 -19.16 -5.86
C TRP B 280 1.68 -20.23 -5.74
N GLY B 281 2.95 -19.81 -5.70
CA GLY B 281 4.04 -20.76 -5.44
C GLY B 281 4.46 -20.77 -3.98
N ASP B 282 5.76 -21.00 -3.77
CA ASP B 282 6.36 -21.13 -2.44
C ASP B 282 5.78 -20.15 -1.41
N PRO B 283 5.06 -20.66 -0.38
CA PRO B 283 4.49 -19.72 0.60
C PRO B 283 5.50 -18.92 1.45
N GLU B 284 6.65 -19.50 1.74
CA GLU B 284 7.65 -18.76 2.54
C GLU B 284 8.24 -17.59 1.74
N ARG B 285 8.44 -17.81 0.45
CA ARG B 285 8.92 -16.76 -0.43
C ARG B 285 7.88 -15.64 -0.54
N ARG B 286 6.61 -16.00 -0.64
CA ARG B 286 5.54 -15.01 -0.67
C ARG B 286 5.53 -14.18 0.62
N ALA B 287 5.66 -14.85 1.77
CA ALA B 287 5.65 -14.13 3.05
C ALA B 287 6.84 -13.19 3.14
N GLU B 288 7.97 -13.62 2.58
CA GLU B 288 9.16 -12.79 2.54
C GLU B 288 8.94 -11.56 1.66
N TRP B 289 8.35 -11.74 0.47
CA TRP B 289 8.01 -10.62 -0.42
C TRP B 289 7.20 -9.57 0.34
N VAL B 290 6.19 -10.03 1.06
CA VAL B 290 5.27 -9.12 1.76
C VAL B 290 6.02 -8.16 2.69
N ARG B 291 7.02 -8.69 3.39
CA ARG B 291 7.73 -7.95 4.45
C ARG B 291 9.03 -7.30 4.00
N GLN B 292 9.49 -7.60 2.78
CA GLN B 292 10.74 -7.06 2.28
C GLN B 292 10.64 -5.63 1.77
N ASP B 293 11.77 -4.93 1.79
CA ASP B 293 11.87 -3.61 1.19
C ASP B 293 12.18 -3.74 -0.30
N GLU B 294 12.29 -2.62 -1.00
CA GLU B 294 12.50 -2.66 -2.46
C GLU B 294 13.70 -3.52 -2.86
N ALA B 295 14.84 -3.29 -2.24
CA ALA B 295 16.06 -4.04 -2.58
C ALA B 295 15.93 -5.54 -2.30
N GLY B 296 15.28 -5.89 -1.18
CA GLY B 296 15.06 -7.28 -0.80
C GLY B 296 14.14 -7.95 -1.81
N ARG B 297 13.14 -7.19 -2.28
CA ARG B 297 12.21 -7.69 -3.31
C ARG B 297 12.94 -7.96 -4.62
N ARG B 298 13.82 -7.05 -5.02
CA ARG B 298 14.65 -7.30 -6.22
C ARG B 298 15.49 -8.56 -6.12
N GLU B 299 16.16 -8.77 -4.98
CA GLU B 299 17.01 -9.94 -4.77
C GLU B 299 16.16 -11.21 -4.84
N LEU B 300 14.97 -11.12 -4.27
CA LEU B 300 14.01 -12.22 -4.29
C LEU B 300 13.64 -12.60 -5.72
N LEU B 301 13.38 -11.60 -6.56
CA LEU B 301 12.98 -11.85 -7.94
C LEU B 301 14.14 -12.45 -8.74
N GLU B 302 15.34 -11.96 -8.47
CA GLU B 302 16.55 -12.48 -9.09
C GLU B 302 16.69 -13.98 -8.82
N LYS B 303 16.54 -14.36 -7.56
CA LYS B 303 16.67 -15.76 -7.15
C LYS B 303 15.55 -16.64 -7.69
N MET B 304 14.41 -16.04 -8.01
CA MET B 304 13.23 -16.77 -8.46
C MET B 304 13.26 -17.03 -9.97
N ALA B 305 14.14 -16.33 -10.69
CA ALA B 305 14.21 -16.45 -12.15
C ALA B 305 14.50 -17.88 -12.58
N GLY B 306 13.75 -18.37 -13.57
CA GLY B 306 13.85 -19.76 -14.04
C GLY B 306 12.52 -20.18 -14.62
N VAL B 307 12.33 -21.48 -14.81
CA VAL B 307 11.11 -21.99 -15.39
C VAL B 307 10.01 -22.01 -14.33
N MET B 308 8.80 -21.58 -14.71
CA MET B 308 7.66 -21.57 -13.77
C MET B 308 7.40 -22.92 -13.13
N THR B 309 7.00 -22.89 -11.87
CA THR B 309 6.47 -24.08 -11.20
C THR B 309 4.95 -24.02 -11.08
N VAL B 310 4.39 -22.81 -11.01
CA VAL B 310 2.96 -22.63 -10.84
C VAL B 310 2.21 -22.94 -12.14
N ARG B 311 1.05 -23.58 -11.99
CA ARG B 311 0.14 -23.91 -13.09
C ARG B 311 -1.15 -23.12 -12.95
N GLY B 312 -1.91 -23.01 -14.03
CA GLY B 312 -3.19 -22.30 -14.01
C GLY B 312 -4.13 -22.84 -12.93
N SER B 313 -4.09 -24.15 -12.73
CA SER B 313 -4.98 -24.82 -11.77
C SER B 313 -4.63 -24.53 -10.29
N ASP B 314 -3.46 -23.91 -10.07
CA ASP B 314 -3.01 -23.55 -8.72
C ASP B 314 -3.61 -22.24 -8.24
N LEU B 315 -4.16 -21.45 -9.16
CA LEU B 315 -4.72 -20.14 -8.84
C LEU B 315 -6.07 -20.25 -8.17
N GLY B 316 -6.42 -19.24 -7.39
CA GLY B 316 -7.71 -19.20 -6.73
C GLY B 316 -7.71 -18.26 -5.55
N ALA B 317 -6.79 -18.46 -4.61
CA ALA B 317 -6.69 -17.59 -3.44
C ALA B 317 -6.30 -16.18 -3.88
N THR B 318 -6.85 -15.16 -3.25
CA THR B 318 -6.50 -13.81 -3.66
C THR B 318 -5.20 -13.39 -3.01
N VAL B 319 -4.38 -12.68 -3.77
CA VAL B 319 -3.11 -12.15 -3.27
C VAL B 319 -2.91 -10.66 -3.58
N HIS B 320 -3.86 -10.03 -4.26
CA HIS B 320 -3.72 -8.62 -4.61
C HIS B 320 -3.58 -7.74 -3.36
N GLN B 321 -4.18 -8.18 -2.26
CA GLN B 321 -4.14 -7.44 -0.98
C GLN B 321 -2.75 -7.49 -0.33
N LEU B 322 -1.90 -8.36 -0.83
CA LEU B 322 -0.49 -8.45 -0.43
C LEU B 322 0.41 -7.67 -1.39
N GLY B 323 -0.20 -6.99 -2.35
CA GLY B 323 0.53 -6.21 -3.34
C GLY B 323 1.04 -7.02 -4.52
N ILE B 324 0.59 -8.26 -4.63
CA ILE B 324 1.03 -9.12 -5.72
C ILE B 324 0.04 -8.96 -6.89
N ASP B 325 0.20 -7.81 -7.56
CA ASP B 325 -0.64 -7.36 -8.66
C ASP B 325 -0.03 -6.02 -9.08
N TRP B 326 -0.77 -5.23 -9.84
CA TRP B 326 -0.32 -3.93 -10.30
C TRP B 326 -1.42 -2.95 -9.96
N HIS B 327 -1.15 -2.04 -9.03
CA HIS B 327 -2.20 -1.12 -8.55
C HIS B 327 -2.16 0.23 -9.23
N MET B 328 -3.32 0.70 -9.69
CA MET B 328 -3.49 1.99 -10.37
C MET B 328 -4.75 2.64 -9.84
N ASP B 329 -4.79 3.96 -9.82
CA ASP B 329 -6.08 4.61 -9.64
C ASP B 329 -6.74 4.85 -10.99
N ALA B 330 -7.99 5.29 -11.01
CA ALA B 330 -8.64 5.45 -12.29
C ALA B 330 -8.03 6.59 -13.09
N PHE B 331 -7.46 7.58 -12.38
CA PHE B 331 -6.83 8.69 -13.07
C PHE B 331 -5.60 8.21 -13.85
N ASP B 332 -4.88 7.26 -13.27
CA ASP B 332 -3.73 6.61 -13.94
C ASP B 332 -4.17 5.94 -15.26
N VAL B 333 -5.32 5.28 -15.23
CA VAL B 333 -5.81 4.56 -16.41
C VAL B 333 -6.14 5.56 -17.52
N VAL B 334 -6.80 6.66 -17.16
CA VAL B 334 -7.13 7.68 -18.16
C VAL B 334 -5.84 8.27 -18.76
N ARG B 335 -4.86 8.58 -17.91
CA ARG B 335 -3.60 9.14 -18.38
C ARG B 335 -2.86 8.22 -19.34
N VAL B 336 -2.84 6.92 -19.03
CA VAL B 336 -2.12 5.99 -19.92
C VAL B 336 -2.85 5.80 -21.24
N LEU B 337 -4.19 5.77 -21.21
CA LEU B 337 -4.97 5.68 -22.44
C LEU B 337 -4.84 6.94 -23.30
N GLU B 338 -4.96 8.11 -22.67
CA GLU B 338 -4.77 9.36 -23.41
C GLU B 338 -3.34 9.44 -23.97
N GLY B 339 -2.37 8.99 -23.19
CA GLY B 339 -0.99 8.90 -23.64
C GLY B 339 -0.80 8.00 -24.86
N LEU B 340 -1.47 6.85 -24.87
CA LEU B 340 -1.42 5.94 -26.00
C LEU B 340 -2.06 6.54 -27.24
N LEU B 341 -3.15 7.29 -27.05
CA LEU B 341 -3.79 8.03 -28.13
C LEU B 341 -2.78 8.96 -28.79
N GLN B 342 -2.00 9.66 -27.96
CA GLN B 342 -0.96 10.57 -28.46
C GLN B 342 0.17 9.80 -29.14
N ASP B 343 0.59 8.70 -28.51
CA ASP B 343 1.61 7.81 -29.07
C ASP B 343 1.24 7.31 -30.47
N SER B 344 -0.01 6.90 -30.62
CA SER B 344 -0.51 6.38 -31.88
C SER B 344 -0.45 7.46 -32.96
N GLY B 345 -0.80 8.68 -32.60
CA GLY B 345 -0.74 9.84 -33.51
C GLY B 345 0.66 10.13 -34.02
N ARG B 346 1.66 10.05 -33.15
CA ARG B 346 3.06 10.26 -33.53
C ARG B 346 3.58 9.18 -34.47
N ASP B 347 3.06 7.97 -34.32
CA ASP B 347 3.50 6.83 -35.13
C ASP B 347 2.77 6.84 -36.48
N THR B 348 3.39 7.45 -37.48
CA THR B 348 2.77 7.60 -38.79
C THR B 348 2.69 6.29 -39.58
N SER B 349 3.43 5.28 -39.11
CA SER B 349 3.40 3.93 -39.69
C SER B 349 2.07 3.20 -39.45
N GLY B 350 1.31 3.62 -38.43
CA GLY B 350 0.05 2.98 -38.07
C GLY B 350 0.19 1.68 -37.27
N THR B 351 1.42 1.35 -36.88
CA THR B 351 1.69 0.10 -36.14
C THR B 351 0.99 0.14 -34.78
N VAL B 352 1.19 1.22 -34.05
CA VAL B 352 0.56 1.38 -32.75
C VAL B 352 -0.98 1.29 -32.84
N GLU B 353 -1.57 2.03 -33.79
CA GLU B 353 -3.04 2.05 -33.94
C GLU B 353 -3.58 0.65 -34.25
N GLU B 354 -2.88 -0.09 -35.10
CA GLU B 354 -3.29 -1.46 -35.43
C GLU B 354 -3.32 -2.37 -34.20
N ILE B 355 -2.29 -2.28 -33.36
CA ILE B 355 -2.24 -3.03 -32.11
C ILE B 355 -3.38 -2.63 -31.14
N LEU B 356 -3.57 -1.34 -30.95
CA LEU B 356 -4.56 -0.86 -29.97
C LEU B 356 -6.01 -1.08 -30.38
N THR B 357 -6.30 -1.09 -31.68
CA THR B 357 -7.69 -1.20 -32.14
C THR B 357 -8.10 -2.61 -32.55
N ALA B 358 -7.18 -3.57 -32.44
CA ALA B 358 -7.47 -4.94 -32.89
C ALA B 358 -8.66 -5.59 -32.19
N TYR B 359 -8.75 -5.41 -30.87
CA TYR B 359 -9.77 -6.07 -30.06
C TYR B 359 -10.49 -5.06 -29.14
N PRO B 360 -11.72 -4.67 -29.50
CA PRO B 360 -12.41 -3.64 -28.74
C PRO B 360 -13.23 -4.16 -27.56
N GLY B 361 -13.26 -5.47 -27.36
CA GLY B 361 -13.92 -6.08 -26.21
C GLY B 361 -15.43 -6.16 -26.29
N LEU B 362 -16.00 -5.52 -27.32
CA LEU B 362 -17.45 -5.46 -27.55
C LEU B 362 -17.70 -5.22 -29.02
N LEU B 363 -18.95 -5.41 -29.45
CA LEU B 363 -19.37 -4.92 -30.76
C LEU B 363 -19.56 -3.41 -30.68
N ILE B 364 -18.88 -2.68 -31.57
CA ILE B 364 -18.89 -1.22 -31.55
C ILE B 364 -19.74 -0.61 -32.66
N ASP B 365 -20.53 0.41 -32.29
CA ASP B 365 -21.24 1.25 -33.26
C ASP B 365 -20.23 2.12 -34.01
N GLU B 366 -19.82 1.66 -35.19
CA GLU B 366 -18.78 2.31 -35.99
C GLU B 366 -19.22 3.61 -36.65
N GLU B 367 -20.53 3.82 -36.71
CA GLU B 367 -21.08 5.07 -37.23
C GLU B 367 -20.91 6.18 -36.21
N ARG B 368 -21.00 5.81 -34.93
CA ARG B 368 -20.81 6.73 -33.82
C ARG B 368 -19.33 6.91 -33.48
N TRP B 369 -18.59 5.80 -33.45
CA TRP B 369 -17.21 5.85 -32.97
C TRP B 369 -16.16 5.64 -34.08
N ARG B 370 -15.22 6.55 -34.14
CA ARG B 370 -14.12 6.48 -35.09
C ARG B 370 -13.06 5.48 -34.64
N ARG B 371 -12.84 5.42 -33.33
CA ARG B 371 -11.69 4.69 -32.78
C ARG B 371 -12.03 4.23 -31.37
N VAL B 372 -11.72 2.95 -31.08
CA VAL B 372 -11.90 2.42 -29.75
C VAL B 372 -10.64 1.66 -29.30
N TYR B 373 -10.12 2.06 -28.13
CA TYR B 373 -9.08 1.30 -27.44
C TYR B 373 -9.75 0.57 -26.27
N PHE B 374 -9.25 -0.61 -25.93
CA PHE B 374 -9.82 -1.43 -24.89
C PHE B 374 -8.70 -2.17 -24.17
N LYS B 375 -8.85 -2.35 -22.87
CA LYS B 375 -8.00 -3.28 -22.13
C LYS B 375 -8.76 -3.83 -20.94
N ALA B 376 -8.62 -5.13 -20.75
CA ALA B 376 -9.14 -5.84 -19.58
C ALA B 376 -7.99 -6.25 -18.66
N GLY B 377 -8.34 -6.50 -17.40
CA GLY B 377 -7.40 -7.12 -16.47
C GLY B 377 -8.15 -7.97 -15.48
N SER B 378 -7.57 -9.10 -15.11
CA SER B 378 -8.17 -9.93 -14.07
C SER B 378 -7.13 -10.79 -13.37
N SER B 379 -7.44 -11.10 -12.11
CA SER B 379 -6.65 -11.97 -11.25
CA SER B 379 -6.66 -11.98 -11.24
C SER B 379 -7.66 -12.47 -10.21
N PRO B 380 -7.32 -13.51 -9.42
CA PRO B 380 -8.26 -13.84 -8.35
C PRO B 380 -8.63 -12.62 -7.49
N GLY B 381 -9.92 -12.34 -7.43
CA GLY B 381 -10.43 -11.18 -6.68
C GLY B 381 -10.27 -9.83 -7.37
N VAL B 382 -9.98 -9.83 -8.67
CA VAL B 382 -9.69 -8.61 -9.40
C VAL B 382 -10.35 -8.64 -10.76
N MET B 383 -11.05 -7.57 -11.12
CA MET B 383 -11.59 -7.41 -12.47
C MET B 383 -11.57 -5.96 -12.90
N MET B 384 -11.12 -5.69 -14.11
CA MET B 384 -11.15 -4.34 -14.62
C MET B 384 -11.37 -4.31 -16.12
N PHE B 385 -12.12 -3.32 -16.57
CA PHE B 385 -12.25 -3.05 -17.98
C PHE B 385 -12.11 -1.57 -18.21
N CYS B 386 -11.45 -1.21 -19.29
CA CYS B 386 -11.38 0.19 -19.67
C CYS B 386 -11.48 0.37 -21.17
N TRP B 387 -12.04 1.49 -21.59
CA TRP B 387 -12.16 1.85 -22.98
C TRP B 387 -11.83 3.33 -23.16
N LEU B 388 -11.22 3.64 -24.29
CA LEU B 388 -11.20 5.00 -24.84
C LEU B 388 -12.01 4.97 -26.12
N LEU B 389 -13.00 5.84 -26.22
CA LEU B 389 -13.84 5.93 -27.40
C LEU B 389 -13.73 7.32 -27.99
N GLN B 390 -13.37 7.42 -29.25
CA GLN B 390 -13.28 8.72 -29.92
C GLN B 390 -14.28 8.78 -31.06
N ASP B 391 -15.10 9.83 -31.09
CA ASP B 391 -16.09 9.96 -32.16
C ASP B 391 -15.50 10.61 -33.42
N HIS B 392 -16.31 10.69 -34.47
CA HIS B 392 -15.85 11.21 -35.76
C HIS B 392 -15.50 12.68 -35.72
N ALA B 393 -16.13 13.41 -34.80
CA ALA B 393 -15.78 14.80 -34.52
C ALA B 393 -14.46 14.93 -33.73
N GLY B 394 -14.00 13.83 -33.13
CA GLY B 394 -12.72 13.83 -32.42
C GLY B 394 -12.79 13.98 -30.92
N ILE B 395 -14.02 13.98 -30.38
CA ILE B 395 -14.23 14.04 -28.94
C ILE B 395 -13.98 12.65 -28.37
N SER B 396 -13.15 12.57 -27.33
CA SER B 396 -12.84 11.28 -26.70
C SER B 396 -13.49 11.12 -25.34
N TYR B 397 -13.78 9.87 -24.99
CA TYR B 397 -14.33 9.52 -23.70
C TYR B 397 -13.53 8.36 -23.17
N VAL B 398 -13.28 8.35 -21.87
CA VAL B 398 -12.69 7.19 -21.21
C VAL B 398 -13.64 6.66 -20.14
N LEU B 399 -13.78 5.33 -20.10
CA LEU B 399 -14.55 4.63 -19.10
C LEU B 399 -13.62 3.62 -18.43
N VAL B 400 -13.56 3.69 -17.11
CA VAL B 400 -12.74 2.79 -16.30
C VAL B 400 -13.64 2.11 -15.27
N LEU B 401 -13.73 0.79 -15.33
CA LEU B 401 -14.52 0.00 -14.38
C LEU B 401 -13.59 -0.93 -13.63
N ARG B 402 -13.70 -0.97 -12.30
CA ARG B 402 -12.82 -1.80 -11.47
C ARG B 402 -13.57 -2.45 -10.32
N GLN B 403 -13.22 -3.70 -10.03
CA GLN B 403 -13.72 -4.44 -8.88
C GLN B 403 -12.56 -5.13 -8.17
N SER B 404 -12.57 -5.16 -6.84
CA SER B 404 -11.67 -6.00 -6.08
C SER B 404 -12.41 -6.64 -4.91
N ALA B 405 -12.01 -7.86 -4.56
CA ALA B 405 -12.64 -8.56 -3.44
C ALA B 405 -11.69 -9.56 -2.81
N ASP B 406 -12.00 -9.98 -1.58
CA ASP B 406 -11.24 -11.02 -0.90
C ASP B 406 -11.60 -12.44 -1.37
N GLU B 407 -12.70 -12.57 -2.11
CA GLU B 407 -13.15 -13.85 -2.62
C GLU B 407 -13.52 -13.72 -4.08
N GLN B 408 -12.92 -14.56 -4.91
CA GLN B 408 -13.15 -14.53 -6.35
C GLN B 408 -14.64 -14.73 -6.71
N ARG B 409 -15.35 -15.55 -5.93
CA ARG B 409 -16.73 -15.87 -6.30
C ARG B 409 -17.64 -14.65 -6.24
N LEU B 410 -17.23 -13.61 -5.51
CA LEU B 410 -18.01 -12.38 -5.48
C LEU B 410 -17.92 -11.56 -6.77
N ILE B 411 -16.93 -11.87 -7.61
CA ILE B 411 -16.72 -11.15 -8.86
C ILE B 411 -17.10 -11.98 -10.10
N GLY B 412 -16.73 -13.26 -10.12
CA GLY B 412 -17.01 -14.13 -11.28
C GLY B 412 -16.08 -13.92 -12.47
N ASP B 413 -16.52 -14.38 -13.65
CA ASP B 413 -15.66 -14.39 -14.84
C ASP B 413 -15.47 -13.06 -15.55
N GLY B 414 -16.19 -12.04 -15.10
CA GLY B 414 -16.06 -10.71 -15.68
C GLY B 414 -17.12 -10.31 -16.67
N LEU B 415 -18.01 -11.22 -17.03
CA LEU B 415 -19.07 -10.85 -17.95
C LEU B 415 -20.00 -9.79 -17.35
N PHE B 416 -20.12 -9.78 -16.03
CA PHE B 416 -20.94 -8.77 -15.32
C PHE B 416 -20.35 -7.38 -15.53
N LEU B 417 -19.09 -7.20 -15.13
CA LEU B 417 -18.47 -5.88 -15.28
C LEU B 417 -18.36 -5.48 -16.75
N ARG B 418 -18.04 -6.44 -17.63
CA ARG B 418 -17.95 -6.10 -19.05
C ARG B 418 -19.30 -5.68 -19.62
N GLY B 419 -20.33 -6.41 -19.22
CA GLY B 419 -21.70 -6.15 -19.65
C GLY B 419 -22.20 -4.80 -19.19
N ILE B 420 -21.84 -4.41 -17.98
CA ILE B 420 -22.12 -3.05 -17.48
C ILE B 420 -21.45 -2.02 -18.39
N GLY B 421 -20.19 -2.24 -18.74
CA GLY B 421 -19.54 -1.36 -19.70
C GLY B 421 -20.28 -1.31 -21.01
N ALA B 422 -20.71 -2.48 -21.49
CA ALA B 422 -21.46 -2.55 -22.75
C ALA B 422 -22.74 -1.72 -22.71
N LYS B 423 -23.48 -1.83 -21.61
CA LYS B 423 -24.72 -1.05 -21.45
C LYS B 423 -24.47 0.46 -21.31
N ILE B 424 -23.41 0.85 -20.62
CA ILE B 424 -23.03 2.26 -20.56
C ILE B 424 -22.76 2.81 -21.97
N ILE B 425 -22.00 2.06 -22.76
CA ILE B 425 -21.61 2.49 -24.10
C ILE B 425 -22.82 2.50 -25.06
N GLU B 426 -23.74 1.55 -24.88
CA GLU B 426 -24.99 1.51 -25.64
C GLU B 426 -25.83 2.76 -25.33
N ALA B 427 -25.84 3.15 -24.06
CA ALA B 427 -26.57 4.33 -23.58
C ALA B 427 -25.68 5.58 -23.55
N GLU B 428 -24.71 5.66 -24.45
CA GLU B 428 -23.77 6.80 -24.47
C GLU B 428 -24.49 8.15 -24.56
N ALA B 429 -25.58 8.21 -25.33
CA ALA B 429 -26.36 9.45 -25.50
C ALA B 429 -26.93 9.97 -24.18
N LYS B 430 -27.21 9.07 -23.24
CA LYS B 430 -27.73 9.43 -21.93
C LYS B 430 -26.61 9.63 -20.90
N LEU B 431 -25.54 8.84 -21.00
CA LEU B 431 -24.55 8.76 -19.94
C LEU B 431 -23.22 9.45 -20.22
N LEU B 432 -22.86 9.55 -21.49
CA LEU B 432 -21.56 10.10 -21.88
C LEU B 432 -21.67 11.47 -22.56
N SER B 433 -22.49 11.56 -23.59
CA SER B 433 -22.52 12.73 -24.46
C SER B 433 -23.79 13.58 -24.32
N SER B 434 -24.49 13.44 -23.21
CA SER B 434 -25.74 14.20 -23.00
C SER B 434 -25.46 15.69 -22.82
N GLY B 435 -24.35 16.02 -22.19
CA GLY B 435 -23.96 17.42 -21.95
C GLY B 435 -23.12 17.95 -23.09
C1 GOL C . 13.76 15.55 23.76
O1 GOL C . 13.57 14.24 23.25
C2 GOL C . 12.76 15.73 24.90
O2 GOL C . 11.47 15.73 24.33
C3 GOL C . 12.99 17.03 25.65
O3 GOL C . 12.22 17.04 26.85
CL CL D . 7.80 4.62 21.69
C1 GOL E . -1.73 -11.44 -15.55
O1 GOL E . -2.50 -11.31 -16.75
C2 GOL E . -2.74 -11.77 -14.45
O2 GOL E . -3.51 -10.59 -14.22
C3 GOL E . -2.03 -12.17 -13.17
O3 GOL E . -2.99 -12.66 -12.26
CL CL F . -11.95 -9.43 -22.59
#